data_9JDU
#
_entry.id   9JDU
#
_cell.length_a   49.509
_cell.length_b   81.583
_cell.length_c   159.744
_cell.angle_alpha   90.000
_cell.angle_beta   90.000
_cell.angle_gamma   90.000
#
_symmetry.space_group_name_H-M   'P 21 21 21'
#
loop_
_entity.id
_entity.type
_entity.pdbx_description
1 polymer "cAMP and cAMP-inhibited cGMP 3',5'-cyclic phosphodiesterase 10A"
2 non-polymer 'ZINC ION'
3 non-polymer 'MAGNESIUM ION'
4 non-polymer 'ethyl 2-[1-[4-[2-(diethylaminomethylamino)ethanoyl]quinolin-2-yl]azetidin-3-yl]imidazo[1,2-a]pyridine-3-carboxylate'
5 water water
#
_entity_poly.entity_id   1
_entity_poly.type   'polypeptide(L)'
_entity_poly.pdbx_seq_one_letter_code
;MSICTSEEWQGLMQFTLPVRLCKEIELFHFDIGPFENMWPGIFVYMVHRSCGTSCFELEKLCRFIMSVKKNYRRVPYHNW
KHAVTVAHCMYAILQNNHTLFTDLERKGLLIACLCHDLDHRGFSNSYLQKFDHPLAALYSTSTMEQHHFSQTVSILQLEG
HNIFSTLSSSEYEQVLEIIRKAIIATDLALYFGNRKQLEEMYQTGSLNLNNQSHRDRVIGLMMTACDLCSVTKLWPVTKL
TANDIYAEFWAEGDEMKKLGIQPIPMMDRDKKDEVPQGQLGFYNAVAIPCYTTLTQILPPTEPLLKACRDNLSQWEKVIR
GE
;
_entity_poly.pdbx_strand_id   A,B
#
loop_
_chem_comp.id
_chem_comp.type
_chem_comp.name
_chem_comp.formula
A1EBE non-polymer 'ethyl 2-[1-[4-[2-(diethylaminomethylamino)ethanoyl]quinolin-2-yl]azetidin-3-yl]imidazo[1,2-a]pyridine-3-carboxylate' 'C29 H34 N6 O3'
MG non-polymer 'MAGNESIUM ION' 'Mg 2'
ZN non-polymer 'ZINC ION' 'Zn 2'
#
# COMPACT_ATOMS: atom_id res chain seq x y z
N MET A 1 -10.64 -21.92 17.07
CA MET A 1 -9.37 -21.44 16.52
C MET A 1 -9.20 -21.92 15.08
N SER A 2 -9.24 -20.98 14.15
CA SER A 2 -9.24 -21.30 12.72
C SER A 2 -7.89 -21.88 12.32
N ILE A 3 -7.88 -23.14 11.91
CA ILE A 3 -6.67 -23.82 11.47
C ILE A 3 -6.40 -23.47 10.01
N CYS A 4 -5.12 -23.36 9.67
CA CYS A 4 -4.74 -23.05 8.30
C CYS A 4 -4.76 -24.29 7.43
N THR A 5 -5.09 -24.10 6.15
CA THR A 5 -5.09 -25.21 5.22
C THR A 5 -3.67 -25.62 4.86
N SER A 6 -3.53 -26.81 4.27
CA SER A 6 -2.20 -27.33 3.97
C SER A 6 -1.54 -26.54 2.85
N GLU A 7 -2.31 -26.11 1.85
CA GLU A 7 -1.74 -25.31 0.76
C GLU A 7 -1.17 -24.00 1.28
N GLU A 8 -1.68 -23.51 2.42
CA GLU A 8 -1.16 -22.28 2.99
C GLU A 8 0.24 -22.48 3.54
N TRP A 9 0.43 -23.52 4.37
CA TRP A 9 1.76 -23.70 4.94
C TRP A 9 2.71 -24.40 3.97
N GLN A 10 2.20 -25.18 3.02
CA GLN A 10 3.06 -25.78 2.01
C GLN A 10 3.76 -24.71 1.18
N GLY A 11 2.99 -23.74 0.66
CA GLY A 11 3.57 -22.63 -0.06
C GLY A 11 4.51 -21.79 0.77
N LEU A 12 4.39 -21.87 2.10
CA LEU A 12 5.28 -21.10 2.96
C LEU A 12 6.67 -21.72 3.02
N MET A 13 6.74 -23.05 3.04
CA MET A 13 8.04 -23.72 3.05
C MET A 13 8.81 -23.45 1.76
N GLN A 14 8.12 -23.45 0.62
CA GLN A 14 8.77 -23.20 -0.66
C GLN A 14 9.18 -21.75 -0.84
N PHE A 15 8.66 -20.84 -0.02
CA PHE A 15 8.95 -19.42 -0.21
C PHE A 15 10.43 -19.13 0.03
N THR A 16 10.98 -18.26 -0.82
CA THR A 16 12.36 -17.79 -0.70
C THR A 16 12.35 -16.28 -0.60
N LEU A 17 13.18 -15.74 0.28
CA LEU A 17 13.24 -14.30 0.44
C LEU A 17 14.04 -13.68 -0.70
N PRO A 18 13.50 -12.68 -1.40
CA PRO A 18 14.28 -11.98 -2.42
C PRO A 18 15.59 -11.44 -1.84
N VAL A 19 16.67 -11.57 -2.62
CA VAL A 19 18.02 -11.28 -2.14
C VAL A 19 18.10 -9.86 -1.59
N ARG A 20 17.51 -8.90 -2.29
CA ARG A 20 17.63 -7.50 -1.89
C ARG A 20 16.98 -7.23 -0.54
N LEU A 21 15.87 -7.91 -0.23
CA LEU A 21 15.18 -7.66 1.03
C LEU A 21 15.97 -8.17 2.23
N CYS A 22 16.80 -9.20 2.02
CA CYS A 22 17.59 -9.75 3.13
C CYS A 22 18.42 -8.69 3.83
N LYS A 23 18.91 -7.70 3.09
CA LYS A 23 19.68 -6.63 3.69
C LYS A 23 18.77 -5.61 4.39
N GLU A 24 17.66 -5.22 3.75
CA GLU A 24 16.81 -4.18 4.30
C GLU A 24 16.07 -4.63 5.56
N ILE A 25 15.89 -5.93 5.76
CA ILE A 25 15.17 -6.41 6.95
C ILE A 25 15.93 -6.03 8.21
N GLU A 26 17.26 -6.06 8.17
CA GLU A 26 18.08 -5.82 9.34
C GLU A 26 18.01 -4.38 9.85
N LEU A 27 17.43 -3.46 9.07
CA LEU A 27 17.39 -2.06 9.46
C LEU A 27 16.12 -1.78 10.26
N PHE A 28 16.28 -1.06 11.37
CA PHE A 28 15.16 -0.82 12.28
C PHE A 28 13.95 -0.21 11.57
N HIS A 29 14.20 0.72 10.65
CA HIS A 29 13.14 1.47 10.00
C HIS A 29 12.43 0.68 8.90
N PHE A 30 12.79 -0.59 8.69
CA PHE A 30 12.21 -1.37 7.61
C PHE A 30 10.69 -1.43 7.73
N ASP A 31 10.02 -1.18 6.61
CA ASP A 31 8.56 -1.13 6.54
C ASP A 31 8.06 -2.32 5.74
N ILE A 32 7.34 -3.23 6.40
CA ILE A 32 6.86 -4.43 5.73
C ILE A 32 5.68 -4.17 4.81
N GLY A 33 5.03 -3.01 4.93
CA GLY A 33 3.83 -2.66 4.20
C GLY A 33 3.72 -3.13 2.75
N PRO A 34 4.71 -2.79 1.91
CA PRO A 34 4.56 -3.06 0.48
C PRO A 34 4.73 -4.52 0.06
N PHE A 35 4.89 -5.46 0.99
CA PHE A 35 5.18 -6.85 0.64
C PHE A 35 4.20 -7.78 1.37
N GLU A 36 2.91 -7.58 1.12
CA GLU A 36 1.88 -8.30 1.89
C GLU A 36 2.01 -9.80 1.73
N ASN A 37 2.16 -10.27 0.49
CA ASN A 37 2.26 -11.71 0.24
C ASN A 37 3.49 -12.33 0.88
N MET A 38 4.49 -11.52 1.23
CA MET A 38 5.74 -12.01 1.79
C MET A 38 5.75 -12.02 3.32
N TRP A 39 4.70 -11.51 3.96
CA TRP A 39 4.71 -11.40 5.42
C TRP A 39 4.92 -12.72 6.14
N PRO A 40 4.18 -13.80 5.83
CA PRO A 40 4.45 -15.07 6.53
C PRO A 40 5.87 -15.59 6.32
N GLY A 41 6.38 -15.51 5.09
CA GLY A 41 7.74 -15.95 4.84
C GLY A 41 8.79 -15.07 5.49
N ILE A 42 8.50 -13.78 5.64
CA ILE A 42 9.43 -12.87 6.30
C ILE A 42 9.63 -13.28 7.75
N PHE A 43 8.56 -13.72 8.42
CA PHE A 43 8.71 -14.17 9.80
C PHE A 43 9.51 -15.46 9.89
N VAL A 44 9.34 -16.36 8.91
CA VAL A 44 10.16 -17.57 8.86
C VAL A 44 11.63 -17.19 8.78
N TYR A 45 11.96 -16.25 7.89
CA TYR A 45 13.35 -15.83 7.72
C TYR A 45 13.90 -15.20 8.99
N MET A 46 13.11 -14.36 9.66
CA MET A 46 13.58 -13.72 10.88
C MET A 46 13.76 -14.73 12.01
N VAL A 47 12.86 -15.71 12.09
CA VAL A 47 13.05 -16.79 13.06
C VAL A 47 14.32 -17.57 12.77
N HIS A 48 14.53 -17.91 11.49
CA HIS A 48 15.70 -18.69 11.12
C HIS A 48 17.00 -17.91 11.34
N ARG A 49 17.02 -16.64 10.95
CA ARG A 49 18.26 -15.87 11.06
C ARG A 49 18.66 -15.62 12.51
N SER A 50 17.68 -15.49 13.41
CA SER A 50 17.99 -15.19 14.80
C SER A 50 18.06 -16.44 15.67
N CYS A 51 17.22 -17.44 15.41
CA CYS A 51 17.17 -18.64 16.23
C CYS A 51 17.79 -19.86 15.57
N GLY A 52 18.23 -19.75 14.32
CA GLY A 52 18.84 -20.86 13.63
C GLY A 52 17.87 -21.59 12.72
N THR A 53 18.43 -22.26 11.71
CA THR A 53 17.62 -23.01 10.75
C THR A 53 17.14 -24.34 11.31
N SER A 54 17.80 -24.86 12.35
CA SER A 54 17.41 -26.13 12.97
C SER A 54 16.59 -25.92 14.23
N CYS A 55 16.18 -24.70 14.52
CA CYS A 55 15.45 -24.38 15.74
C CYS A 55 14.08 -25.05 15.77
N PHE A 56 13.18 -24.60 14.92
CA PHE A 56 11.87 -25.21 14.74
C PHE A 56 11.86 -26.03 13.45
N GLU A 57 11.10 -27.12 13.47
CA GLU A 57 10.90 -27.91 12.26
C GLU A 57 9.99 -27.13 11.31
N LEU A 58 10.41 -27.02 10.04
CA LEU A 58 9.72 -26.14 9.09
C LEU A 58 8.25 -26.53 8.92
N GLU A 59 7.91 -27.79 9.16
CA GLU A 59 6.52 -28.23 9.01
C GLU A 59 5.64 -27.60 10.07
N LYS A 60 5.93 -27.87 11.36
CA LYS A 60 5.12 -27.33 12.44
C LYS A 60 5.16 -25.80 12.47
N LEU A 61 6.33 -25.22 12.18
CA LEU A 61 6.47 -23.77 12.21
C LEU A 61 5.54 -23.10 11.20
N CYS A 62 5.60 -23.54 9.94
CA CYS A 62 4.75 -22.97 8.91
C CYS A 62 3.27 -23.20 9.19
N ARG A 63 2.92 -24.24 9.95
CA ARG A 63 1.53 -24.40 10.39
C ARG A 63 1.17 -23.35 11.42
N PHE A 64 2.04 -23.15 12.41
CA PHE A 64 1.77 -22.18 13.47
C PHE A 64 1.64 -20.76 12.92
N ILE A 65 2.50 -20.39 11.97
CA ILE A 65 2.47 -19.05 11.41
C ILE A 65 1.15 -18.79 10.70
N MET A 66 0.82 -19.64 9.72
CA MET A 66 -0.37 -19.41 8.90
C MET A 66 -1.65 -19.52 9.71
N SER A 67 -1.64 -20.29 10.80
CA SER A 67 -2.82 -20.37 11.66
C SER A 67 -2.95 -19.14 12.54
N VAL A 68 -1.83 -18.52 12.94
CA VAL A 68 -1.89 -17.28 13.72
C VAL A 68 -2.47 -16.15 12.87
N LYS A 69 -2.06 -16.07 11.60
CA LYS A 69 -2.65 -15.08 10.70
C LYS A 69 -4.14 -15.27 10.58
N LYS A 70 -4.60 -16.53 10.49
CA LYS A 70 -6.02 -16.80 10.33
C LYS A 70 -6.82 -16.37 11.54
N ASN A 71 -6.20 -16.35 12.72
CA ASN A 71 -6.87 -15.93 13.94
C ASN A 71 -6.67 -14.45 14.25
N TYR A 72 -5.97 -13.71 13.38
CA TYR A 72 -5.96 -12.26 13.44
C TYR A 72 -7.14 -11.71 12.64
N ARG A 73 -7.80 -10.71 13.19
CA ARG A 73 -9.07 -10.26 12.64
C ARG A 73 -8.86 -9.13 11.62
N ARG A 74 -9.96 -8.69 11.03
CA ARG A 74 -9.92 -7.70 9.96
C ARG A 74 -10.36 -6.33 10.47
N VAL A 75 -9.63 -5.87 11.49
CA VAL A 75 -9.87 -4.56 12.07
C VAL A 75 -8.83 -3.59 11.51
N PRO A 76 -9.12 -2.28 11.47
CA PRO A 76 -8.24 -1.36 10.73
C PRO A 76 -6.79 -1.34 11.18
N TYR A 77 -6.49 -1.69 12.43
CA TYR A 77 -5.13 -1.58 12.92
C TYR A 77 -4.60 -2.88 13.52
N HIS A 78 -5.23 -3.35 14.60
CA HIS A 78 -4.75 -4.53 15.30
C HIS A 78 -5.00 -5.80 14.49
N ASN A 79 -4.26 -5.98 13.41
CA ASN A 79 -4.53 -7.08 12.48
C ASN A 79 -3.23 -7.80 12.15
N TRP A 80 -3.25 -8.58 11.05
CA TRP A 80 -2.11 -9.42 10.70
C TRP A 80 -0.88 -8.59 10.35
N LYS A 81 -1.08 -7.46 9.66
CA LYS A 81 0.03 -6.56 9.36
C LYS A 81 0.72 -6.09 10.63
N HIS A 82 -0.08 -5.68 11.62
CA HIS A 82 0.47 -5.17 12.88
C HIS A 82 1.33 -6.20 13.58
N ALA A 83 0.95 -7.48 13.48
CA ALA A 83 1.70 -8.53 14.16
C ALA A 83 3.12 -8.67 13.61
N VAL A 84 3.25 -8.67 12.27
CA VAL A 84 4.57 -8.84 11.66
C VAL A 84 5.41 -7.58 11.83
N THR A 85 4.78 -6.41 11.86
CA THR A 85 5.51 -5.17 12.10
C THR A 85 6.14 -5.18 13.49
N VAL A 86 5.38 -5.59 14.51
CA VAL A 86 5.93 -5.72 15.86
C VAL A 86 6.98 -6.82 15.90
N ALA A 87 6.74 -7.91 15.16
CA ALA A 87 7.70 -9.02 15.15
C ALA A 87 9.02 -8.59 14.52
N HIS A 88 8.96 -7.79 13.46
CA HIS A 88 10.20 -7.36 12.80
C HIS A 88 11.01 -6.46 13.70
N CYS A 89 10.37 -5.48 14.34
CA CYS A 89 11.09 -4.58 15.24
C CYS A 89 11.79 -5.34 16.34
N MET A 90 11.16 -6.41 16.84
CA MET A 90 11.82 -7.28 17.81
C MET A 90 13.04 -7.95 17.20
N TYR A 91 12.90 -8.48 15.98
CA TYR A 91 14.02 -9.08 15.28
C TYR A 91 15.19 -8.11 15.19
N ALA A 92 14.91 -6.85 14.81
CA ALA A 92 15.96 -5.85 14.72
C ALA A 92 16.60 -5.59 16.08
N ILE A 93 15.78 -5.50 17.14
CA ILE A 93 16.33 -5.32 18.48
C ILE A 93 17.15 -6.53 18.88
N LEU A 94 16.64 -7.73 18.61
CA LEU A 94 17.35 -8.95 18.98
C LEU A 94 18.66 -9.08 18.20
N GLN A 95 18.64 -8.78 16.90
CA GLN A 95 19.85 -8.89 16.09
C GLN A 95 20.94 -7.97 16.62
N ASN A 96 20.59 -6.73 16.93
CA ASN A 96 21.56 -5.72 17.35
C ASN A 96 22.00 -5.89 18.80
N ASN A 97 21.46 -6.86 19.51
CA ASN A 97 21.86 -7.20 20.88
C ASN A 97 21.76 -8.71 21.08
N HIS A 98 22.40 -9.46 20.19
CA HIS A 98 22.09 -10.89 20.04
C HIS A 98 22.47 -11.70 21.29
N THR A 99 23.75 -11.75 21.61
CA THR A 99 24.18 -12.58 22.73
C THR A 99 23.75 -12.03 24.08
N LEU A 100 23.06 -10.88 24.12
CA LEU A 100 22.56 -10.37 25.39
C LEU A 100 21.38 -11.18 25.91
N PHE A 101 20.69 -11.91 25.04
CA PHE A 101 19.53 -12.71 25.40
C PHE A 101 19.80 -14.17 25.08
N THR A 102 19.12 -15.05 25.81
CA THR A 102 19.29 -16.48 25.61
C THR A 102 18.61 -16.91 24.31
N ASP A 103 18.94 -18.14 23.89
CA ASP A 103 18.31 -18.70 22.70
C ASP A 103 16.83 -18.97 22.93
N LEU A 104 16.46 -19.32 24.17
CA LEU A 104 15.05 -19.58 24.48
C LEU A 104 14.24 -18.29 24.49
N GLU A 105 14.86 -17.16 24.85
CA GLU A 105 14.14 -15.90 24.89
C GLU A 105 13.91 -15.32 23.50
N ARG A 106 14.90 -15.48 22.61
CA ARG A 106 14.71 -15.06 21.22
C ARG A 106 13.60 -15.85 20.55
N LYS A 107 13.51 -17.15 20.84
CA LYS A 107 12.37 -17.94 20.38
C LYS A 107 11.07 -17.45 21.00
N GLY A 108 11.11 -17.06 22.26
CA GLY A 108 9.89 -16.66 22.94
C GLY A 108 9.39 -15.29 22.51
N LEU A 109 10.31 -14.32 22.44
CA LEU A 109 9.88 -12.95 22.18
C LEU A 109 9.41 -12.75 20.74
N LEU A 110 10.05 -13.43 19.79
CA LEU A 110 9.59 -13.34 18.41
C LEU A 110 8.24 -14.00 18.23
N ILE A 111 8.02 -15.16 18.86
CA ILE A 111 6.72 -15.82 18.76
C ILE A 111 5.66 -15.01 19.51
N ALA A 112 5.99 -14.50 20.69
CA ALA A 112 5.04 -13.70 21.45
C ALA A 112 4.67 -12.42 20.72
N CYS A 113 5.62 -11.83 19.98
CA CYS A 113 5.31 -10.63 19.19
C CYS A 113 4.31 -10.93 18.10
N LEU A 114 4.48 -12.07 17.40
CA LEU A 114 3.57 -12.42 16.33
C LEU A 114 2.16 -12.68 16.86
N CYS A 115 2.04 -13.12 18.11
CA CYS A 115 0.76 -13.50 18.69
C CYS A 115 0.26 -12.49 19.72
N HIS A 116 0.90 -11.32 19.84
CA HIS A 116 0.62 -10.45 20.97
C HIS A 116 -0.74 -9.76 20.88
N ASP A 117 -1.37 -9.76 19.69
CA ASP A 117 -2.70 -9.17 19.54
C ASP A 117 -3.67 -10.12 18.88
N LEU A 118 -3.43 -11.43 19.00
CA LEU A 118 -4.30 -12.43 18.39
C LEU A 118 -5.75 -12.22 18.77
N ASP A 119 -6.64 -12.32 17.77
CA ASP A 119 -8.09 -12.28 17.99
C ASP A 119 -8.54 -10.93 18.54
N HIS A 120 -7.91 -9.86 18.07
CA HIS A 120 -8.28 -8.52 18.51
C HIS A 120 -9.54 -8.07 17.78
N ARG A 121 -10.56 -7.69 18.55
CA ARG A 121 -11.84 -7.25 18.00
C ARG A 121 -11.87 -5.76 17.67
N GLY A 122 -10.79 -5.04 17.95
CA GLY A 122 -10.79 -3.60 17.73
C GLY A 122 -11.44 -2.80 18.83
N PHE A 123 -11.35 -3.25 20.08
CA PHE A 123 -11.93 -2.54 21.20
C PHE A 123 -10.94 -2.56 22.37
N SER A 124 -10.79 -1.41 23.01
CA SER A 124 -9.78 -1.25 24.04
C SER A 124 -10.18 -1.99 25.32
N ASN A 125 -9.28 -1.97 26.30
CA ASN A 125 -9.57 -2.57 27.59
C ASN A 125 -10.72 -1.84 28.29
N SER A 126 -10.75 -0.51 28.18
CA SER A 126 -11.76 0.26 28.91
C SER A 126 -13.17 -0.03 28.40
N TYR A 127 -13.32 -0.25 27.10
CA TYR A 127 -14.64 -0.53 26.55
C TYR A 127 -15.20 -1.82 27.12
N LEU A 128 -14.45 -2.92 27.00
CA LEU A 128 -14.94 -4.22 27.43
C LEU A 128 -15.33 -4.23 28.91
N GLN A 129 -14.62 -3.47 29.74
CA GLN A 129 -14.90 -3.45 31.17
C GLN A 129 -16.08 -2.56 31.51
N LYS A 130 -16.22 -1.43 30.82
CA LYS A 130 -17.35 -0.53 31.05
C LYS A 130 -18.67 -1.23 30.73
N PHE A 131 -18.76 -1.83 29.54
CA PHE A 131 -19.95 -2.55 29.11
C PHE A 131 -19.90 -4.03 29.44
N ASP A 132 -19.32 -4.37 30.59
CA ASP A 132 -19.17 -5.72 31.13
C ASP A 132 -19.20 -6.82 30.07
N HIS A 133 -18.30 -6.74 29.10
CA HIS A 133 -18.14 -7.83 28.15
C HIS A 133 -17.70 -9.08 28.92
N PRO A 134 -18.11 -10.27 28.47
CA PRO A 134 -17.72 -11.50 29.19
C PRO A 134 -16.22 -11.63 29.43
N LEU A 135 -15.38 -11.16 28.50
CA LEU A 135 -13.94 -11.28 28.68
C LEU A 135 -13.44 -10.36 29.78
N ALA A 136 -14.13 -9.24 30.00
CA ALA A 136 -13.80 -8.37 31.13
C ALA A 136 -14.07 -9.03 32.47
N ALA A 137 -14.96 -10.03 32.49
CA ALA A 137 -15.24 -10.77 33.72
C ALA A 137 -14.30 -11.95 33.92
N LEU A 138 -13.84 -12.57 32.82
CA LEU A 138 -12.85 -13.65 32.94
C LEU A 138 -11.45 -13.10 33.18
N TYR A 139 -11.16 -11.91 32.68
CA TYR A 139 -9.87 -11.25 32.87
C TYR A 139 -10.13 -9.86 33.41
N SER A 140 -9.85 -9.65 34.70
CA SER A 140 -10.19 -8.38 35.35
C SER A 140 -9.34 -7.24 34.82
N THR A 141 -8.02 -7.38 34.91
CA THR A 141 -7.08 -6.39 34.38
C THR A 141 -6.29 -6.99 33.24
N SER A 142 -5.71 -6.12 32.42
CA SER A 142 -5.04 -6.52 31.19
C SER A 142 -5.93 -7.47 30.38
N THR A 143 -7.13 -6.97 30.07
CA THR A 143 -8.22 -7.82 29.60
C THR A 143 -7.85 -8.54 28.31
N MET A 144 -7.63 -7.78 27.23
CA MET A 144 -7.35 -8.39 25.94
C MET A 144 -6.00 -9.08 25.93
N GLU A 145 -5.02 -8.57 26.67
CA GLU A 145 -3.68 -9.13 26.62
C GLU A 145 -3.64 -10.53 27.21
N GLN A 146 -4.38 -10.78 28.29
CA GLN A 146 -4.48 -12.13 28.82
C GLN A 146 -5.19 -13.06 27.85
N HIS A 147 -6.21 -12.55 27.16
CA HIS A 147 -6.88 -13.35 26.14
C HIS A 147 -5.94 -13.66 24.97
N HIS A 148 -5.11 -12.68 24.59
CA HIS A 148 -4.14 -12.91 23.52
C HIS A 148 -3.22 -14.08 23.86
N PHE A 149 -2.80 -14.17 25.13
CA PHE A 149 -1.96 -15.28 25.55
C PHE A 149 -2.74 -16.59 25.50
N SER A 150 -4.00 -16.58 25.93
CA SER A 150 -4.83 -17.78 25.84
C SER A 150 -5.02 -18.20 24.39
N GLN A 151 -5.21 -17.24 23.49
CA GLN A 151 -5.29 -17.56 22.06
C GLN A 151 -3.97 -18.13 21.57
N THR A 152 -2.85 -17.63 22.10
CA THR A 152 -1.55 -18.13 21.68
C THR A 152 -1.36 -19.59 22.06
N VAL A 153 -1.72 -19.95 23.30
CA VAL A 153 -1.55 -21.33 23.74
C VAL A 153 -2.52 -22.25 23.01
N SER A 154 -3.71 -21.76 22.66
CA SER A 154 -4.68 -22.58 21.94
C SER A 154 -4.13 -23.00 20.58
N ILE A 155 -3.36 -22.13 19.93
CA ILE A 155 -2.78 -22.48 18.64
C ILE A 155 -1.67 -23.50 18.81
N LEU A 156 -0.82 -23.31 19.83
CA LEU A 156 0.23 -24.28 20.11
C LEU A 156 -0.33 -25.66 20.38
N GLN A 157 -1.48 -25.73 21.05
CA GLN A 157 -2.11 -27.00 21.37
C GLN A 157 -2.93 -27.58 20.22
N LEU A 158 -2.84 -27.00 19.02
CA LEU A 158 -3.49 -27.57 17.86
C LEU A 158 -2.65 -28.72 17.31
N GLU A 159 -3.33 -29.63 16.59
CA GLU A 159 -2.69 -30.82 16.04
C GLU A 159 -1.57 -30.47 15.07
N GLY A 160 -0.33 -30.78 15.44
CA GLY A 160 0.82 -30.51 14.60
C GLY A 160 1.31 -29.08 14.61
N HIS A 161 0.88 -28.27 15.59
CA HIS A 161 1.27 -26.87 15.66
C HIS A 161 2.34 -26.59 16.70
N ASN A 162 2.54 -27.49 17.66
CA ASN A 162 3.39 -27.22 18.82
C ASN A 162 4.85 -27.18 18.39
N ILE A 163 5.37 -25.96 18.18
CA ILE A 163 6.76 -25.79 17.81
C ILE A 163 7.71 -25.98 18.99
N PHE A 164 7.21 -25.91 20.22
CA PHE A 164 8.03 -26.09 21.41
C PHE A 164 7.99 -27.51 21.95
N SER A 165 7.52 -28.47 21.15
CA SER A 165 7.43 -29.85 21.63
C SER A 165 8.79 -30.40 22.02
N THR A 166 9.83 -30.04 21.26
CA THR A 166 11.15 -30.62 21.44
C THR A 166 11.96 -29.94 22.54
N LEU A 167 11.38 -29.02 23.28
CA LEU A 167 12.04 -28.46 24.45
C LEU A 167 11.85 -29.37 25.64
N SER A 168 12.80 -29.31 26.58
CA SER A 168 12.60 -29.97 27.86
C SER A 168 11.38 -29.38 28.55
N SER A 169 10.55 -30.26 29.15
CA SER A 169 9.33 -29.80 29.78
C SER A 169 9.57 -28.69 30.80
N SER A 170 10.79 -28.58 31.33
CA SER A 170 11.17 -27.41 32.10
C SER A 170 11.22 -26.17 31.21
N GLU A 171 11.91 -26.27 30.08
CA GLU A 171 11.99 -25.14 29.15
C GLU A 171 10.66 -24.87 28.45
N TYR A 172 9.76 -25.85 28.42
CA TYR A 172 8.44 -25.62 27.85
C TYR A 172 7.65 -24.60 28.69
N GLU A 173 7.53 -24.87 29.99
CA GLU A 173 6.92 -23.88 30.89
C GLU A 173 7.75 -22.61 30.99
N GLN A 174 9.05 -22.70 30.70
CA GLN A 174 9.91 -21.52 30.77
C GLN A 174 9.62 -20.55 29.64
N VAL A 175 9.54 -21.05 28.41
CA VAL A 175 9.29 -20.17 27.27
C VAL A 175 7.85 -19.67 27.29
N LEU A 176 6.92 -20.48 27.81
CA LEU A 176 5.54 -20.01 27.95
C LEU A 176 5.44 -18.88 28.96
N GLU A 177 6.33 -18.85 29.96
CA GLU A 177 6.34 -17.75 30.91
C GLU A 177 6.91 -16.48 30.28
N ILE A 178 7.94 -16.61 29.45
CA ILE A 178 8.45 -15.47 28.71
C ILE A 178 7.39 -14.93 27.77
N ILE A 179 6.64 -15.83 27.12
CA ILE A 179 5.61 -15.41 26.18
C ILE A 179 4.43 -14.78 26.90
N ARG A 180 4.01 -15.38 28.02
CA ARG A 180 2.91 -14.79 28.78
C ARG A 180 3.28 -13.41 29.32
N LYS A 181 4.49 -13.29 29.88
CA LYS A 181 4.93 -12.00 30.42
C LYS A 181 5.06 -10.96 29.32
N ALA A 182 5.58 -11.36 28.15
CA ALA A 182 5.75 -10.42 27.05
C ALA A 182 4.41 -9.91 26.53
N ILE A 183 3.44 -10.82 26.36
CA ILE A 183 2.14 -10.41 25.84
C ILE A 183 1.40 -9.55 26.86
N ILE A 184 1.61 -9.78 28.16
CA ILE A 184 0.98 -8.94 29.17
C ILE A 184 1.57 -7.53 29.14
N ALA A 185 2.89 -7.43 28.99
CA ALA A 185 3.56 -6.14 29.02
C ALA A 185 3.13 -5.22 27.88
N THR A 186 2.48 -5.74 26.84
CA THR A 186 1.97 -4.88 25.78
C THR A 186 0.76 -4.07 26.22
N ASP A 187 0.18 -4.36 27.38
CA ASP A 187 -0.81 -3.48 27.98
C ASP A 187 -0.13 -2.18 28.36
N LEU A 188 -0.47 -1.09 27.65
CA LEU A 188 0.18 0.18 27.89
C LEU A 188 -0.09 0.72 29.29
N ALA A 189 -1.13 0.22 29.96
CA ALA A 189 -1.39 0.64 31.34
C ALA A 189 -0.29 0.22 32.29
N LEU A 190 0.51 -0.78 31.92
CA LEU A 190 1.59 -1.26 32.77
C LEU A 190 2.93 -0.63 32.42
N TYR A 191 3.07 -0.08 31.21
CA TYR A 191 4.37 0.41 30.75
C TYR A 191 4.89 1.55 31.63
N PHE A 192 3.99 2.39 32.13
CA PHE A 192 4.41 3.64 32.77
C PHE A 192 5.11 3.38 34.10
N GLY A 193 4.57 2.48 34.92
CA GLY A 193 5.30 2.07 36.11
C GLY A 193 6.57 1.31 35.78
N ASN A 194 6.52 0.46 34.75
CA ASN A 194 7.68 -0.33 34.37
C ASN A 194 8.79 0.54 33.80
N ARG A 195 8.43 1.53 32.97
CA ARG A 195 9.44 2.42 32.44
C ARG A 195 10.02 3.32 33.53
N LYS A 196 9.14 3.84 34.40
CA LYS A 196 9.61 4.64 35.53
C LYS A 196 10.53 3.84 36.43
N GLN A 197 10.23 2.55 36.62
CA GLN A 197 11.09 1.71 37.44
C GLN A 197 12.42 1.43 36.76
N LEU A 198 12.40 1.24 35.43
CA LEU A 198 13.66 1.01 34.72
C LEU A 198 14.52 2.27 34.70
N GLU A 199 13.87 3.44 34.59
CA GLU A 199 14.62 4.70 34.59
C GLU A 199 15.37 4.89 35.91
N GLU A 200 14.73 4.54 37.02
CA GLU A 200 15.40 4.71 38.31
C GLU A 200 16.46 3.65 38.55
N MET A 201 16.19 2.40 38.15
CA MET A 201 17.19 1.35 38.28
C MET A 201 18.44 1.63 37.45
N TYR A 202 18.32 2.42 36.39
CA TYR A 202 19.45 2.76 35.53
C TYR A 202 20.30 3.90 36.09
N GLN A 203 19.66 5.02 36.44
CA GLN A 203 20.42 6.19 36.86
C GLN A 203 21.13 5.96 38.19
N THR A 204 20.55 5.17 39.09
CA THR A 204 21.24 4.81 40.31
C THR A 204 22.31 3.75 40.10
N GLY A 205 22.26 3.02 38.98
CA GLY A 205 23.28 2.05 38.66
C GLY A 205 23.05 0.65 39.18
N SER A 206 21.83 0.32 39.59
CA SER A 206 21.52 -0.99 40.16
C SER A 206 20.87 -1.93 39.15
N LEU A 207 20.62 -1.47 37.93
CA LEU A 207 20.01 -2.31 36.89
C LEU A 207 20.99 -3.42 36.51
N ASN A 208 20.64 -4.65 36.87
CA ASN A 208 21.42 -5.83 36.53
C ASN A 208 20.62 -6.70 35.57
N LEU A 209 21.32 -7.30 34.61
CA LEU A 209 20.64 -7.96 33.50
C LEU A 209 20.29 -9.42 33.81
N ASN A 210 21.12 -10.11 34.58
CA ASN A 210 20.74 -11.41 35.10
C ASN A 210 20.05 -11.35 36.45
N ASN A 211 19.55 -10.17 36.82
CA ASN A 211 18.52 -10.04 37.84
C ASN A 211 17.19 -10.34 37.16
N GLN A 212 16.60 -11.50 37.46
CA GLN A 212 15.46 -11.99 36.70
C GLN A 212 14.32 -10.98 36.67
N SER A 213 13.98 -10.41 37.84
CA SER A 213 12.91 -9.42 37.90
C SER A 213 13.24 -8.20 37.06
N HIS A 214 14.51 -7.80 37.05
CA HIS A 214 14.94 -6.72 36.14
C HIS A 214 14.86 -7.17 34.70
N ARG A 215 15.22 -8.43 34.43
CA ARG A 215 15.26 -8.94 33.05
C ARG A 215 13.87 -8.87 32.41
N ASP A 216 12.84 -9.25 33.16
CA ASP A 216 11.48 -9.16 32.64
C ASP A 216 11.07 -7.71 32.40
N ARG A 217 11.51 -6.80 33.27
CA ARG A 217 11.20 -5.39 33.08
C ARG A 217 11.84 -4.85 31.80
N VAL A 218 13.07 -5.27 31.50
CA VAL A 218 13.73 -4.85 30.27
C VAL A 218 13.04 -5.47 29.06
N ILE A 219 12.67 -6.75 29.16
CA ILE A 219 11.91 -7.39 28.09
C ILE A 219 10.57 -6.71 27.91
N GLY A 220 9.98 -6.24 29.01
CA GLY A 220 8.72 -5.52 28.92
C GLY A 220 8.86 -4.23 28.15
N LEU A 221 9.92 -3.47 28.43
CA LEU A 221 10.18 -2.24 27.69
C LEU A 221 10.46 -2.53 26.23
N MET A 222 11.14 -3.64 25.94
CA MET A 222 11.35 -4.03 24.55
C MET A 222 10.04 -4.36 23.86
N MET A 223 9.14 -5.05 24.56
CA MET A 223 7.83 -5.35 23.99
C MET A 223 7.02 -4.08 23.75
N THR A 224 7.17 -3.08 24.63
CA THR A 224 6.49 -1.81 24.41
C THR A 224 7.06 -1.07 23.21
N ALA A 225 8.39 -0.99 23.12
CA ALA A 225 9.03 -0.30 22.00
C ALA A 225 8.65 -0.93 20.66
N CYS A 226 8.47 -2.26 20.62
CA CYS A 226 8.06 -2.91 19.39
C CYS A 226 6.61 -2.61 19.07
N ASP A 227 5.75 -2.51 20.10
CA ASP A 227 4.34 -2.27 19.86
C ASP A 227 4.09 -0.88 19.32
N LEU A 228 4.98 0.07 19.59
CA LEU A 228 4.83 1.45 19.16
C LEU A 228 5.75 1.81 18.00
N CYS A 229 6.40 0.81 17.38
CA CYS A 229 7.47 1.10 16.42
C CYS A 229 7.00 1.84 15.17
N SER A 230 5.69 2.04 15.01
CA SER A 230 5.21 2.82 13.88
C SER A 230 5.70 4.26 13.96
N VAL A 231 5.92 4.77 15.17
CA VAL A 231 6.52 6.09 15.32
C VAL A 231 7.97 6.14 14.91
N THR A 232 8.60 4.98 14.68
CA THR A 232 10.00 4.90 14.32
C THR A 232 10.23 4.65 12.84
N LYS A 233 9.17 4.66 12.03
CA LYS A 233 9.32 4.52 10.59
C LYS A 233 9.49 5.88 9.95
N LEU A 234 9.71 5.90 8.64
CA LEU A 234 9.76 7.16 7.92
C LEU A 234 8.41 7.86 7.98
N TRP A 235 8.45 9.19 7.95
CA TRP A 235 7.29 10.06 8.15
C TRP A 235 6.06 9.60 7.37
N PRO A 236 6.13 9.39 6.04
CA PRO A 236 4.92 8.99 5.32
C PRO A 236 4.35 7.66 5.79
N VAL A 237 5.20 6.71 6.17
CA VAL A 237 4.71 5.44 6.70
C VAL A 237 3.99 5.65 8.03
N THR A 238 4.53 6.54 8.87
CA THR A 238 3.96 6.75 10.19
C THR A 238 2.61 7.45 10.11
N LYS A 239 2.46 8.40 9.18
CA LYS A 239 1.16 9.04 8.98
C LYS A 239 0.13 8.02 8.51
N LEU A 240 0.51 7.12 7.60
CA LEU A 240 -0.43 6.13 7.10
C LEU A 240 -0.86 5.16 8.19
N THR A 241 0.08 4.79 9.07
CA THR A 241 -0.28 3.92 10.19
C THR A 241 -1.10 4.69 11.23
N ALA A 242 -0.87 6.00 11.38
CA ALA A 242 -1.70 6.79 12.26
C ALA A 242 -3.16 6.79 11.82
N ASN A 243 -3.39 6.80 10.51
CA ASN A 243 -4.75 6.69 9.98
C ASN A 243 -5.36 5.33 10.31
N ASP A 244 -4.55 4.27 10.31
CA ASP A 244 -5.06 2.96 10.70
C ASP A 244 -5.47 2.93 12.16
N ILE A 245 -4.68 3.56 13.03
CA ILE A 245 -4.98 3.57 14.46
C ILE A 245 -6.26 4.35 14.72
N TYR A 246 -6.39 5.53 14.12
CA TYR A 246 -7.56 6.38 14.38
C TYR A 246 -8.82 5.81 13.74
N ALA A 247 -8.69 5.11 12.62
CA ALA A 247 -9.85 4.48 12.00
C ALA A 247 -10.49 3.48 12.96
N GLU A 248 -9.67 2.74 13.71
CA GLU A 248 -10.20 1.76 14.66
C GLU A 248 -10.67 2.43 15.95
N PHE A 249 -9.91 3.41 16.44
CA PHE A 249 -10.34 4.18 17.61
C PHE A 249 -11.71 4.80 17.38
N TRP A 250 -11.88 5.50 16.25
CA TRP A 250 -13.12 6.19 15.99
C TRP A 250 -14.29 5.23 15.84
N ALA A 251 -14.05 4.03 15.31
CA ALA A 251 -15.09 3.02 15.25
C ALA A 251 -15.58 2.67 16.65
N GLU A 252 -14.66 2.49 17.59
CA GLU A 252 -15.05 2.26 18.98
C GLU A 252 -15.73 3.48 19.58
N GLY A 253 -15.31 4.68 19.16
CA GLY A 253 -15.97 5.89 19.63
C GLY A 253 -17.38 6.05 19.13
N ASP A 254 -17.69 5.45 17.97
CA ASP A 254 -19.06 5.49 17.44
C ASP A 254 -19.98 4.59 18.25
N GLU A 255 -19.49 3.42 18.67
CA GLU A 255 -20.33 2.48 19.40
C GLU A 255 -20.79 3.09 20.73
N MET A 256 -19.94 3.87 21.37
CA MET A 256 -20.35 4.54 22.60
C MET A 256 -21.37 5.64 22.33
N LYS A 257 -21.31 6.25 21.13
CA LYS A 257 -22.31 7.24 20.76
C LYS A 257 -23.65 6.59 20.44
N LYS A 258 -23.63 5.36 19.90
CA LYS A 258 -24.87 4.61 19.74
C LYS A 258 -25.53 4.35 21.09
N LEU A 259 -24.73 4.30 22.16
CA LEU A 259 -25.23 4.11 23.51
C LEU A 259 -25.32 5.43 24.28
N GLY A 260 -25.24 6.56 23.58
CA GLY A 260 -25.41 7.86 24.19
C GLY A 260 -24.36 8.22 25.21
N ILE A 261 -23.09 8.07 24.86
CA ILE A 261 -21.97 8.35 25.76
C ILE A 261 -20.85 8.98 24.93
N GLN A 262 -20.44 10.18 25.29
CA GLN A 262 -19.34 10.83 24.58
C GLN A 262 -18.05 10.06 24.85
N PRO A 263 -17.36 9.56 23.83
CA PRO A 263 -16.09 8.88 24.07
C PRO A 263 -14.99 9.85 24.42
N ILE A 264 -13.79 9.35 24.69
CA ILE A 264 -12.63 10.19 24.94
C ILE A 264 -12.25 10.86 23.62
N PRO A 265 -11.61 12.03 23.63
CA PRO A 265 -11.30 12.71 22.37
C PRO A 265 -10.46 11.87 21.41
N MET A 266 -9.66 10.93 21.93
CA MET A 266 -8.84 10.09 21.08
C MET A 266 -9.68 9.19 20.19
N MET A 267 -10.88 8.83 20.63
CA MET A 267 -11.79 7.97 19.87
C MET A 267 -12.97 8.74 19.29
N ASP A 268 -12.90 10.07 19.25
CA ASP A 268 -13.98 10.92 18.76
C ASP A 268 -13.57 11.47 17.40
N ARG A 269 -14.20 10.95 16.34
CA ARG A 269 -13.90 11.42 14.99
C ARG A 269 -14.37 12.84 14.74
N ASP A 270 -15.11 13.44 15.67
CA ASP A 270 -15.44 14.86 15.57
C ASP A 270 -14.33 15.75 16.09
N LYS A 271 -13.33 15.18 16.76
CA LYS A 271 -12.18 15.92 17.27
C LYS A 271 -10.92 15.65 16.46
N LYS A 272 -11.08 15.42 15.15
CA LYS A 272 -9.93 15.21 14.27
C LYS A 272 -8.97 16.39 14.28
N ASP A 273 -9.46 17.59 14.63
CA ASP A 273 -8.59 18.76 14.66
C ASP A 273 -7.46 18.61 15.67
N GLU A 274 -7.73 17.93 16.79
CA GLU A 274 -6.73 17.77 17.84
C GLU A 274 -5.77 16.60 17.59
N VAL A 275 -5.90 15.92 16.45
CA VAL A 275 -5.02 14.79 16.14
C VAL A 275 -3.54 15.17 16.22
N PRO A 276 -3.07 16.27 15.62
CA PRO A 276 -1.63 16.57 15.71
C PRO A 276 -1.15 16.84 17.13
N GLN A 277 -1.93 17.58 17.92
CA GLN A 277 -1.54 17.83 19.30
C GLN A 277 -1.63 16.57 20.14
N GLY A 278 -2.60 15.70 19.84
CA GLY A 278 -2.68 14.43 20.54
C GLY A 278 -1.49 13.53 20.26
N GLN A 279 -1.00 13.56 19.02
CA GLN A 279 0.24 12.86 18.70
C GLN A 279 1.43 13.51 19.39
N LEU A 280 1.44 14.85 19.45
CA LEU A 280 2.54 15.55 20.12
C LEU A 280 2.64 15.15 21.59
N GLY A 281 1.51 15.03 22.27
CA GLY A 281 1.52 14.61 23.66
C GLY A 281 1.83 13.14 23.84
N PHE A 282 1.44 12.30 22.87
CA PHE A 282 1.78 10.88 22.96
C PHE A 282 3.28 10.67 22.79
N TYR A 283 3.91 11.42 21.88
CA TYR A 283 5.34 11.31 21.69
C TYR A 283 6.10 11.78 22.92
N ASN A 284 5.72 12.94 23.46
CA ASN A 284 6.46 13.53 24.58
C ASN A 284 6.33 12.68 25.84
N ALA A 285 5.13 12.15 26.12
CA ALA A 285 4.89 11.45 27.38
C ALA A 285 5.09 9.95 27.28
N VAL A 286 5.01 9.36 26.09
CA VAL A 286 5.01 7.89 25.97
C VAL A 286 6.14 7.42 25.07
N ALA A 287 6.07 7.78 23.78
CA ALA A 287 6.98 7.19 22.80
C ALA A 287 8.43 7.59 23.07
N ILE A 288 8.71 8.89 23.08
CA ILE A 288 10.08 9.36 23.35
C ILE A 288 10.62 8.79 24.66
N PRO A 289 9.88 8.80 25.78
CA PRO A 289 10.43 8.16 26.99
C PRO A 289 10.70 6.68 26.83
N CYS A 290 9.89 5.97 26.04
CA CYS A 290 10.08 4.53 25.89
C CYS A 290 11.42 4.22 25.23
N TYR A 291 11.72 4.88 24.11
CA TYR A 291 12.96 4.60 23.39
C TYR A 291 14.17 5.25 24.04
N THR A 292 13.97 6.34 24.78
CA THR A 292 15.07 6.97 25.50
C THR A 292 15.64 6.03 26.54
N THR A 293 14.77 5.46 27.39
CA THR A 293 15.22 4.49 28.38
C THR A 293 15.72 3.21 27.71
N LEU A 294 15.09 2.81 26.61
CA LEU A 294 15.55 1.63 25.87
C LEU A 294 16.94 1.84 25.30
N THR A 295 17.21 3.03 24.77
CA THR A 295 18.55 3.31 24.24
C THR A 295 19.58 3.43 25.35
N GLN A 296 19.16 3.86 26.55
CA GLN A 296 20.09 3.86 27.67
C GLN A 296 20.45 2.44 28.08
N ILE A 297 19.47 1.52 28.02
CA ILE A 297 19.74 0.13 28.37
C ILE A 297 20.47 -0.58 27.23
N LEU A 298 19.92 -0.49 26.02
CA LEU A 298 20.47 -1.15 24.84
C LEU A 298 20.84 -0.08 23.82
N PRO A 299 22.02 0.52 23.95
CA PRO A 299 22.43 1.61 23.04
C PRO A 299 22.38 1.23 21.57
N PRO A 300 22.63 -0.06 21.20
CA PRO A 300 22.42 -0.43 19.79
C PRO A 300 21.03 -0.10 19.25
N THR A 301 20.04 0.02 20.12
CA THR A 301 18.68 0.33 19.70
C THR A 301 18.43 1.82 19.47
N GLU A 302 19.48 2.64 19.33
CA GLU A 302 19.28 4.08 19.16
C GLU A 302 18.44 4.44 17.93
N PRO A 303 18.69 3.90 16.72
CA PRO A 303 17.97 4.40 15.54
C PRO A 303 16.46 4.49 15.72
N LEU A 304 15.89 3.67 16.61
CA LEU A 304 14.49 3.86 16.99
C LEU A 304 14.26 5.22 17.62
N LEU A 305 15.13 5.60 18.58
CA LEU A 305 14.95 6.87 19.27
C LEU A 305 15.10 8.05 18.32
N LYS A 306 16.09 8.01 17.43
CA LYS A 306 16.27 9.11 16.49
C LYS A 306 15.11 9.19 15.51
N ALA A 307 14.66 8.04 15.00
CA ALA A 307 13.52 8.05 14.10
C ALA A 307 12.25 8.49 14.82
N CYS A 308 12.12 8.13 16.11
CA CYS A 308 11.00 8.63 16.89
C CYS A 308 11.08 10.14 17.08
N ARG A 309 12.30 10.68 17.19
CA ARG A 309 12.47 12.13 17.26
C ARG A 309 12.19 12.79 15.92
N ASP A 310 12.63 12.17 14.82
CA ASP A 310 12.40 12.74 13.50
C ASP A 310 10.91 12.98 13.25
N ASN A 311 10.07 12.01 13.63
CA ASN A 311 8.63 12.17 13.48
C ASN A 311 8.05 13.12 14.51
N LEU A 312 8.74 13.35 15.63
CA LEU A 312 8.28 14.34 16.59
C LEU A 312 8.39 15.75 16.01
N SER A 313 9.44 16.00 15.22
CA SER A 313 9.57 17.29 14.55
C SER A 313 8.50 17.46 13.48
N GLN A 314 8.17 16.39 12.76
CA GLN A 314 7.13 16.48 11.74
C GLN A 314 5.77 16.76 12.36
N TRP A 315 5.45 16.09 13.47
CA TRP A 315 4.19 16.37 14.17
C TRP A 315 4.16 17.79 14.69
N GLU A 316 5.32 18.34 15.09
CA GLU A 316 5.38 19.74 15.47
C GLU A 316 5.29 20.67 14.27
N LYS A 317 5.81 20.23 13.11
CA LYS A 317 5.66 21.04 11.90
C LYS A 317 4.21 21.11 11.45
N VAL A 318 3.42 20.08 11.75
CA VAL A 318 2.01 20.07 11.36
C VAL A 318 1.20 21.01 12.24
N ILE A 319 1.49 21.03 13.55
CA ILE A 319 0.74 21.88 14.47
C ILE A 319 0.96 23.35 14.14
N ARG A 320 2.13 23.69 13.62
CA ARG A 320 2.42 25.05 13.17
C ARG A 320 1.91 25.32 11.76
N GLY A 321 0.95 24.53 11.27
CA GLY A 321 0.36 24.75 9.96
C GLY A 321 1.33 24.61 8.82
N GLU A 322 2.11 23.53 8.80
CA GLU A 322 3.08 23.30 7.74
C GLU A 322 3.06 21.83 7.32
N SER B 2 -10.81 19.11 -34.03
CA SER B 2 -9.56 18.75 -34.68
C SER B 2 -9.73 17.53 -35.57
N ILE B 3 -9.54 17.70 -36.88
CA ILE B 3 -9.50 16.58 -37.81
C ILE B 3 -8.15 16.63 -38.54
N CYS B 4 -7.48 15.49 -38.60
CA CYS B 4 -6.17 15.44 -39.22
C CYS B 4 -6.26 15.70 -40.71
N THR B 5 -5.21 16.29 -41.26
CA THR B 5 -5.16 16.57 -42.68
C THR B 5 -5.06 15.27 -43.48
N SER B 6 -5.30 15.38 -44.79
CA SER B 6 -4.85 14.32 -45.68
C SER B 6 -3.36 14.11 -45.58
N GLU B 7 -2.62 15.13 -45.12
CA GLU B 7 -1.17 15.10 -45.12
C GLU B 7 -0.60 14.22 -44.01
N GLU B 8 -1.29 14.11 -42.87
CA GLU B 8 -0.70 13.50 -41.69
C GLU B 8 -0.81 11.97 -41.70
N TRP B 9 -2.02 11.43 -41.82
CA TRP B 9 -2.23 10.01 -41.56
C TRP B 9 -1.67 9.11 -42.65
N GLN B 10 -1.50 9.62 -43.87
CA GLN B 10 -0.92 8.79 -44.93
C GLN B 10 0.51 8.37 -44.59
N GLY B 11 1.27 9.24 -43.91
CA GLY B 11 2.58 8.85 -43.45
C GLY B 11 2.54 7.77 -42.39
N LEU B 12 1.44 7.69 -41.64
CA LEU B 12 1.31 6.65 -40.62
C LEU B 12 1.11 5.28 -41.26
N MET B 13 0.38 5.23 -42.37
CA MET B 13 0.21 3.97 -43.10
C MET B 13 1.53 3.44 -43.64
N GLN B 14 2.56 4.29 -43.74
CA GLN B 14 3.85 3.85 -44.24
C GLN B 14 4.72 3.24 -43.15
N PHE B 15 4.41 3.48 -41.88
CA PHE B 15 5.34 3.16 -40.80
C PHE B 15 5.37 1.67 -40.49
N THR B 16 6.58 1.12 -40.43
CA THR B 16 6.83 -0.23 -39.95
C THR B 16 7.77 -0.13 -38.75
N LEU B 17 7.40 -0.79 -37.66
CA LEU B 17 8.17 -0.69 -36.43
C LEU B 17 9.57 -1.29 -36.63
N PRO B 18 10.62 -0.64 -36.13
CA PRO B 18 11.96 -1.25 -36.17
C PRO B 18 11.97 -2.57 -35.42
N VAL B 19 12.48 -3.61 -36.09
CA VAL B 19 12.37 -4.97 -35.56
C VAL B 19 13.21 -5.17 -34.30
N ARG B 20 14.23 -4.34 -34.08
CA ARG B 20 15.02 -4.47 -32.86
C ARG B 20 14.20 -4.19 -31.61
N LEU B 21 13.09 -3.46 -31.73
CA LEU B 21 12.25 -3.18 -30.58
C LEU B 21 11.28 -4.33 -30.30
N CYS B 22 10.57 -4.79 -31.34
CA CYS B 22 9.53 -5.82 -31.29
C CYS B 22 9.48 -6.64 -30.01
N LYS B 23 10.63 -7.16 -29.56
CA LYS B 23 10.67 -7.92 -28.32
C LYS B 23 10.67 -7.01 -27.09
N GLU B 24 11.37 -5.87 -27.18
CA GLU B 24 11.45 -4.96 -26.04
C GLU B 24 10.14 -4.22 -25.80
N ILE B 25 9.26 -4.15 -26.80
CA ILE B 25 7.98 -3.46 -26.61
C ILE B 25 7.04 -4.31 -25.78
N GLU B 26 7.15 -5.63 -25.87
CA GLU B 26 6.29 -6.53 -25.12
C GLU B 26 6.53 -6.47 -23.61
N LEU B 27 7.63 -5.86 -23.18
CA LEU B 27 7.93 -5.77 -21.76
C LEU B 27 7.01 -4.77 -21.06
N PHE B 28 6.70 -5.06 -19.80
CA PHE B 28 5.86 -4.15 -19.01
C PHE B 28 6.55 -2.81 -18.80
N HIS B 29 7.84 -2.83 -18.46
CA HIS B 29 8.59 -1.64 -18.08
C HIS B 29 9.16 -0.89 -19.28
N PHE B 30 8.73 -1.21 -20.50
CA PHE B 30 9.23 -0.52 -21.68
C PHE B 30 8.90 0.96 -21.61
N ASP B 31 9.83 1.79 -22.08
CA ASP B 31 9.68 3.24 -22.09
C ASP B 31 9.54 3.71 -23.54
N ILE B 32 8.45 4.43 -23.82
CA ILE B 32 8.25 5.02 -25.14
C ILE B 32 8.94 6.36 -25.29
N GLY B 33 9.55 6.88 -24.22
CA GLY B 33 10.20 8.17 -24.21
C GLY B 33 11.10 8.50 -25.39
N PRO B 34 12.10 7.67 -25.66
CA PRO B 34 13.11 8.01 -26.68
C PRO B 34 12.66 7.81 -28.12
N PHE B 35 11.39 7.52 -28.39
CA PHE B 35 10.92 7.17 -29.73
C PHE B 35 9.73 8.04 -30.12
N GLU B 36 9.87 9.36 -29.99
CA GLU B 36 8.71 10.25 -30.07
C GLU B 36 7.98 10.12 -31.41
N ASN B 37 8.72 10.19 -32.52
CA ASN B 37 8.06 10.14 -33.82
C ASN B 37 7.56 8.74 -34.17
N MET B 38 7.72 7.76 -33.28
CA MET B 38 7.20 6.42 -33.49
C MET B 38 5.93 6.13 -32.68
N TRP B 39 5.61 6.98 -31.70
CA TRP B 39 4.44 6.73 -30.86
C TRP B 39 3.15 6.52 -31.62
N PRO B 40 2.81 7.29 -32.67
CA PRO B 40 1.58 6.98 -33.42
C PRO B 40 1.61 5.61 -34.08
N GLY B 41 2.74 5.24 -34.70
CA GLY B 41 2.84 3.93 -35.31
C GLY B 41 3.02 2.82 -34.31
N ILE B 42 3.60 3.12 -33.14
CA ILE B 42 3.70 2.12 -32.08
C ILE B 42 2.31 1.71 -31.61
N PHE B 43 1.39 2.66 -31.56
CA PHE B 43 0.01 2.32 -31.22
C PHE B 43 -0.64 1.47 -32.32
N VAL B 44 -0.33 1.77 -33.58
CA VAL B 44 -0.82 0.93 -34.68
C VAL B 44 -0.31 -0.49 -34.53
N TYR B 45 1.00 -0.64 -34.28
CA TYR B 45 1.60 -1.94 -34.04
C TYR B 45 0.84 -2.69 -32.94
N MET B 46 0.67 -2.06 -31.78
CA MET B 46 0.02 -2.72 -30.65
C MET B 46 -1.41 -3.13 -30.98
N VAL B 47 -2.11 -2.31 -31.77
CA VAL B 47 -3.47 -2.67 -32.17
C VAL B 47 -3.46 -3.89 -33.08
N HIS B 48 -2.52 -3.94 -34.02
CA HIS B 48 -2.45 -5.06 -34.95
C HIS B 48 -2.03 -6.35 -34.25
N ARG B 49 -1.07 -6.26 -33.33
CA ARG B 49 -0.64 -7.46 -32.61
C ARG B 49 -1.75 -8.00 -31.73
N SER B 50 -2.46 -7.12 -31.02
CA SER B 50 -3.45 -7.55 -30.04
C SER B 50 -4.80 -7.87 -30.67
N CYS B 51 -5.15 -7.22 -31.77
CA CYS B 51 -6.48 -7.34 -32.34
C CYS B 51 -6.48 -7.83 -33.78
N GLY B 52 -5.33 -8.00 -34.40
CA GLY B 52 -5.31 -8.39 -35.80
C GLY B 52 -5.28 -7.19 -36.72
N THR B 53 -4.57 -7.34 -37.84
CA THR B 53 -4.48 -6.24 -38.81
C THR B 53 -5.82 -6.01 -39.51
N SER B 54 -6.66 -7.04 -39.63
CA SER B 54 -7.97 -6.91 -40.23
C SER B 54 -9.05 -6.52 -39.21
N CYS B 55 -8.65 -6.01 -38.05
CA CYS B 55 -9.60 -5.58 -37.04
C CYS B 55 -10.25 -4.26 -37.43
N PHE B 56 -9.45 -3.21 -37.58
CA PHE B 56 -9.88 -1.96 -38.16
C PHE B 56 -9.37 -1.87 -39.60
N GLU B 57 -10.14 -1.20 -40.46
CA GLU B 57 -9.61 -0.87 -41.77
C GLU B 57 -8.62 0.27 -41.62
N LEU B 58 -7.44 0.11 -42.23
CA LEU B 58 -6.28 0.91 -41.85
C LEU B 58 -6.47 2.39 -42.14
N GLU B 59 -7.19 2.76 -43.20
CA GLU B 59 -7.40 4.17 -43.50
C GLU B 59 -8.11 4.88 -42.36
N LYS B 60 -9.21 4.28 -41.87
CA LYS B 60 -9.94 4.90 -40.76
C LYS B 60 -9.08 4.96 -39.50
N LEU B 61 -8.26 3.93 -39.27
CA LEU B 61 -7.51 3.86 -38.01
C LEU B 61 -6.42 4.93 -37.94
N CYS B 62 -5.72 5.16 -39.05
CA CYS B 62 -4.65 6.14 -39.04
C CYS B 62 -5.20 7.55 -38.85
N ARG B 63 -6.37 7.84 -39.42
CA ARG B 63 -7.00 9.14 -39.19
C ARG B 63 -7.31 9.35 -37.71
N PHE B 64 -7.95 8.34 -37.09
CA PHE B 64 -8.36 8.47 -35.70
C PHE B 64 -7.16 8.70 -34.78
N ILE B 65 -6.06 8.02 -35.05
CA ILE B 65 -4.87 8.16 -34.19
C ILE B 65 -4.25 9.54 -34.35
N MET B 66 -4.28 10.10 -35.57
CA MET B 66 -3.67 11.40 -35.79
C MET B 66 -4.58 12.54 -35.34
N SER B 67 -5.90 12.32 -35.32
CA SER B 67 -6.80 13.33 -34.78
C SER B 67 -6.73 13.35 -33.25
N VAL B 68 -6.79 12.17 -32.62
CA VAL B 68 -6.66 12.06 -31.17
C VAL B 68 -5.38 12.73 -30.70
N LYS B 69 -4.28 12.51 -31.44
CA LYS B 69 -3.01 13.15 -31.09
C LYS B 69 -3.12 14.67 -31.15
N LYS B 70 -3.81 15.19 -32.17
CA LYS B 70 -3.97 16.63 -32.31
C LYS B 70 -4.69 17.24 -31.10
N ASN B 71 -5.63 16.50 -30.51
CA ASN B 71 -6.47 17.00 -29.43
C ASN B 71 -5.82 16.88 -28.05
N TYR B 72 -4.50 16.72 -27.98
CA TYR B 72 -3.78 16.74 -26.71
C TYR B 72 -2.98 18.03 -26.62
N ARG B 73 -3.18 18.77 -25.53
CA ARG B 73 -2.55 20.07 -25.38
C ARG B 73 -1.10 19.92 -24.94
N ARG B 74 -0.35 21.01 -25.12
CA ARG B 74 1.08 21.01 -24.80
C ARG B 74 1.27 21.37 -23.33
N VAL B 75 0.86 20.43 -22.48
CA VAL B 75 1.00 20.57 -21.03
C VAL B 75 2.10 19.61 -20.57
N PRO B 76 2.68 19.80 -19.38
CA PRO B 76 3.84 18.98 -18.99
C PRO B 76 3.57 17.48 -18.94
N TYR B 77 2.45 17.04 -18.37
CA TYR B 77 2.25 15.62 -18.08
C TYR B 77 1.06 15.02 -18.83
N HIS B 78 -0.15 15.57 -18.67
CA HIS B 78 -1.34 14.99 -19.28
C HIS B 78 -1.35 15.34 -20.77
N ASN B 79 -0.45 14.69 -21.50
CA ASN B 79 -0.26 15.01 -22.91
C ASN B 79 -0.26 13.75 -23.79
N TRP B 80 0.16 13.91 -25.05
CA TRP B 80 0.15 12.80 -26.00
C TRP B 80 1.10 11.68 -25.57
N LYS B 81 2.23 12.03 -24.95
CA LYS B 81 3.13 11.01 -24.44
C LYS B 81 2.47 10.15 -23.37
N HIS B 82 1.69 10.79 -22.48
CA HIS B 82 0.99 10.05 -21.44
C HIS B 82 -0.04 9.11 -22.03
N ALA B 83 -0.73 9.54 -23.10
CA ALA B 83 -1.75 8.71 -23.73
C ALA B 83 -1.16 7.43 -24.30
N VAL B 84 -0.03 7.53 -24.98
CA VAL B 84 0.60 6.35 -25.57
C VAL B 84 1.28 5.51 -24.49
N THR B 85 1.76 6.14 -23.41
CA THR B 85 2.34 5.38 -22.31
C THR B 85 1.28 4.55 -21.60
N VAL B 86 0.10 5.13 -21.36
CA VAL B 86 -0.99 4.38 -20.76
C VAL B 86 -1.48 3.29 -21.71
N ALA B 87 -1.51 3.59 -23.02
CA ALA B 87 -1.96 2.60 -23.99
C ALA B 87 -1.03 1.40 -24.05
N HIS B 88 0.29 1.64 -23.92
CA HIS B 88 1.23 0.53 -23.95
C HIS B 88 1.04 -0.41 -22.77
N CYS B 89 0.79 0.15 -21.58
CA CYS B 89 0.59 -0.69 -20.40
C CYS B 89 -0.64 -1.58 -20.58
N MET B 90 -1.73 -1.03 -21.11
CA MET B 90 -2.90 -1.83 -21.42
C MET B 90 -2.56 -2.92 -22.43
N TYR B 91 -1.69 -2.59 -23.40
CA TYR B 91 -1.25 -3.59 -24.36
C TYR B 91 -0.53 -4.74 -23.68
N ALA B 92 0.39 -4.43 -22.77
CA ALA B 92 1.15 -5.48 -22.09
C ALA B 92 0.26 -6.32 -21.19
N ILE B 93 -0.73 -5.68 -20.53
CA ILE B 93 -1.64 -6.43 -19.67
C ILE B 93 -2.50 -7.38 -20.50
N LEU B 94 -3.02 -6.92 -21.63
CA LEU B 94 -3.88 -7.76 -22.45
C LEU B 94 -3.09 -8.83 -23.19
N GLN B 95 -1.82 -8.55 -23.54
CA GLN B 95 -1.01 -9.57 -24.19
C GLN B 95 -0.70 -10.73 -23.24
N ASN B 96 -0.44 -10.41 -21.98
CA ASN B 96 -0.13 -11.44 -20.98
C ASN B 96 -1.37 -12.05 -20.34
N ASN B 97 -2.55 -11.45 -20.56
CA ASN B 97 -3.81 -12.10 -20.22
C ASN B 97 -4.59 -12.35 -21.50
N HIS B 98 -4.03 -13.20 -22.36
CA HIS B 98 -4.51 -13.31 -23.74
C HIS B 98 -5.95 -13.83 -23.79
N THR B 99 -6.25 -14.87 -23.02
CA THR B 99 -7.51 -15.61 -23.16
C THR B 99 -8.57 -15.17 -22.16
N LEU B 100 -8.47 -13.95 -21.62
CA LEU B 100 -9.42 -13.48 -20.62
C LEU B 100 -10.44 -12.48 -21.13
N PHE B 101 -10.10 -11.69 -22.14
CA PHE B 101 -10.93 -10.58 -22.58
C PHE B 101 -11.39 -10.79 -24.02
N THR B 102 -12.64 -10.43 -24.28
CA THR B 102 -13.23 -10.59 -25.60
C THR B 102 -12.50 -9.73 -26.63
N ASP B 103 -12.75 -10.01 -27.90
CA ASP B 103 -12.22 -9.15 -28.95
C ASP B 103 -12.69 -7.72 -28.80
N LEU B 104 -13.95 -7.54 -28.36
CA LEU B 104 -14.52 -6.20 -28.23
C LEU B 104 -13.84 -5.43 -27.12
N GLU B 105 -13.47 -6.10 -26.02
CA GLU B 105 -12.87 -5.40 -24.90
C GLU B 105 -11.46 -4.92 -25.24
N ARG B 106 -10.67 -5.76 -25.92
CA ARG B 106 -9.32 -5.34 -26.31
C ARG B 106 -9.37 -4.19 -27.32
N LYS B 107 -10.40 -4.15 -28.16
CA LYS B 107 -10.59 -3.02 -29.06
C LYS B 107 -10.81 -1.73 -28.28
N GLY B 108 -11.83 -1.72 -27.41
CA GLY B 108 -12.18 -0.50 -26.71
C GLY B 108 -11.10 -0.04 -25.74
N LEU B 109 -10.50 -0.97 -24.99
CA LEU B 109 -9.57 -0.58 -23.95
C LEU B 109 -8.30 0.06 -24.51
N LEU B 110 -7.80 -0.46 -25.64
CA LEU B 110 -6.67 0.20 -26.28
C LEU B 110 -7.08 1.56 -26.84
N ILE B 111 -8.31 1.66 -27.35
CA ILE B 111 -8.83 2.96 -27.77
C ILE B 111 -9.07 3.85 -26.56
N ALA B 112 -9.67 3.29 -25.49
CA ALA B 112 -10.00 4.08 -24.32
C ALA B 112 -8.75 4.64 -23.65
N CYS B 113 -7.67 3.86 -23.61
CA CYS B 113 -6.45 4.32 -22.95
C CYS B 113 -5.80 5.46 -23.73
N LEU B 114 -5.84 5.39 -25.06
CA LEU B 114 -5.26 6.47 -25.86
C LEU B 114 -6.03 7.77 -25.70
N CYS B 115 -7.33 7.68 -25.47
CA CYS B 115 -8.21 8.85 -25.42
C CYS B 115 -8.64 9.22 -24.00
N HIS B 116 -8.09 8.54 -22.98
CA HIS B 116 -8.62 8.70 -21.63
C HIS B 116 -8.31 10.05 -21.02
N ASP B 117 -7.38 10.82 -21.60
CA ASP B 117 -7.04 12.15 -21.11
C ASP B 117 -7.19 13.20 -22.21
N LEU B 118 -8.08 12.95 -23.16
CA LEU B 118 -8.24 13.84 -24.31
C LEU B 118 -8.60 15.25 -23.87
N ASP B 119 -7.88 16.22 -24.43
CA ASP B 119 -8.14 17.65 -24.22
C ASP B 119 -7.96 18.06 -22.76
N HIS B 120 -7.05 17.39 -22.05
CA HIS B 120 -6.72 17.77 -20.69
C HIS B 120 -6.07 19.15 -20.67
N ARG B 121 -6.53 20.01 -19.77
CA ARG B 121 -6.00 21.37 -19.65
C ARG B 121 -5.00 21.51 -18.50
N GLY B 122 -4.54 20.39 -17.94
CA GLY B 122 -3.56 20.46 -16.86
C GLY B 122 -4.11 20.87 -15.53
N PHE B 123 -5.41 20.73 -15.30
CA PHE B 123 -6.04 21.12 -14.04
C PHE B 123 -6.80 19.95 -13.45
N SER B 124 -6.72 19.81 -12.13
CA SER B 124 -7.47 18.78 -11.43
C SER B 124 -8.96 19.08 -11.47
N ASN B 125 -9.76 18.06 -11.16
CA ASN B 125 -11.21 18.24 -11.11
C ASN B 125 -11.60 19.24 -10.03
N SER B 126 -10.87 19.28 -8.92
CA SER B 126 -11.16 20.23 -7.86
C SER B 126 -11.00 21.67 -8.34
N TYR B 127 -9.98 21.93 -9.17
CA TYR B 127 -9.74 23.28 -9.66
C TYR B 127 -10.92 23.78 -10.50
N LEU B 128 -11.42 22.93 -11.41
CA LEU B 128 -12.53 23.33 -12.26
C LEU B 128 -13.81 23.53 -11.45
N GLN B 129 -14.03 22.69 -10.44
CA GLN B 129 -15.25 22.80 -9.64
C GLN B 129 -15.16 23.98 -8.66
N LYS B 130 -14.00 24.16 -8.03
CA LYS B 130 -13.84 25.24 -7.07
C LYS B 130 -14.00 26.60 -7.74
N PHE B 131 -13.38 26.78 -8.90
CA PHE B 131 -13.31 28.08 -9.55
C PHE B 131 -14.29 28.21 -10.72
N ASP B 132 -15.33 27.39 -10.75
CA ASP B 132 -16.46 27.52 -11.67
C ASP B 132 -15.99 27.58 -13.12
N HIS B 133 -15.50 26.44 -13.59
CA HIS B 133 -15.17 26.25 -14.99
C HIS B 133 -16.43 25.88 -15.77
N PRO B 134 -16.48 26.19 -17.07
CA PRO B 134 -17.65 25.75 -17.86
C PRO B 134 -17.86 24.24 -17.82
N LEU B 135 -16.80 23.46 -18.03
CA LEU B 135 -16.93 22.00 -18.01
C LEU B 135 -17.40 21.49 -16.64
N ALA B 136 -17.03 22.19 -15.57
CA ALA B 136 -17.53 21.82 -14.24
C ALA B 136 -19.00 22.17 -14.08
N ALA B 137 -19.45 23.28 -14.67
CA ALA B 137 -20.87 23.59 -14.70
C ALA B 137 -21.65 22.60 -15.55
N LEU B 138 -20.96 21.82 -16.38
CA LEU B 138 -21.58 20.79 -17.21
C LEU B 138 -21.51 19.42 -16.52
N TYR B 139 -20.29 18.96 -16.22
CA TYR B 139 -20.07 17.66 -15.59
C TYR B 139 -19.80 17.90 -14.11
N SER B 140 -20.78 17.59 -13.27
CA SER B 140 -20.67 17.90 -11.85
C SER B 140 -19.59 17.05 -11.16
N THR B 141 -19.49 15.78 -11.54
CA THR B 141 -18.52 14.87 -10.94
C THR B 141 -17.73 14.16 -12.03
N SER B 142 -16.49 13.79 -11.70
CA SER B 142 -15.53 13.28 -12.68
C SER B 142 -15.49 14.19 -13.90
N THR B 143 -15.25 15.48 -13.64
CA THR B 143 -15.46 16.53 -14.63
C THR B 143 -14.68 16.26 -15.91
N MET B 144 -13.35 16.19 -15.80
CA MET B 144 -12.54 15.96 -16.98
C MET B 144 -12.80 14.59 -17.60
N GLU B 145 -13.09 13.59 -16.78
CA GLU B 145 -13.29 12.24 -17.31
C GLU B 145 -14.52 12.16 -18.20
N GLN B 146 -15.59 12.89 -17.84
CA GLN B 146 -16.72 12.98 -18.75
C GLN B 146 -16.38 13.75 -20.01
N HIS B 147 -15.52 14.78 -19.89
CA HIS B 147 -15.07 15.52 -21.06
C HIS B 147 -14.20 14.65 -21.96
N HIS B 148 -13.31 13.86 -21.36
CA HIS B 148 -12.44 12.97 -22.14
C HIS B 148 -13.27 12.01 -22.99
N PHE B 149 -14.30 11.40 -22.40
CA PHE B 149 -15.15 10.51 -23.17
C PHE B 149 -16.00 11.28 -24.18
N SER B 150 -16.41 12.50 -23.85
CA SER B 150 -17.14 13.32 -24.81
C SER B 150 -16.25 13.69 -25.99
N GLN B 151 -14.98 14.00 -25.73
CA GLN B 151 -14.05 14.31 -26.81
C GLN B 151 -13.79 13.10 -27.70
N THR B 152 -13.81 11.90 -27.13
CA THR B 152 -13.63 10.69 -27.94
C THR B 152 -14.82 10.48 -28.87
N VAL B 153 -16.03 10.55 -28.32
CA VAL B 153 -17.23 10.36 -29.13
C VAL B 153 -17.27 11.38 -30.27
N SER B 154 -16.79 12.60 -30.01
CA SER B 154 -16.71 13.62 -31.05
C SER B 154 -15.90 13.13 -32.24
N ILE B 155 -14.67 12.69 -31.99
CA ILE B 155 -13.79 12.25 -33.07
C ILE B 155 -14.37 11.02 -33.76
N LEU B 156 -14.99 10.12 -33.00
CA LEU B 156 -15.58 8.94 -33.60
C LEU B 156 -16.72 9.29 -34.56
N GLN B 157 -17.47 10.33 -34.25
CA GLN B 157 -18.59 10.74 -35.11
C GLN B 157 -18.12 11.52 -36.33
N LEU B 158 -16.83 11.78 -36.47
CA LEU B 158 -16.33 12.51 -37.61
C LEU B 158 -16.24 11.60 -38.83
N GLU B 159 -16.30 12.23 -40.01
CA GLU B 159 -16.30 11.49 -41.26
C GLU B 159 -14.97 10.79 -41.47
N GLY B 160 -15.02 9.54 -41.91
CA GLY B 160 -13.82 8.74 -42.10
C GLY B 160 -13.08 8.39 -40.84
N HIS B 161 -13.67 8.63 -39.66
CA HIS B 161 -13.02 8.37 -38.38
C HIS B 161 -13.66 7.24 -37.59
N ASN B 162 -14.95 6.98 -37.78
CA ASN B 162 -15.62 5.93 -37.01
C ASN B 162 -15.03 4.57 -37.34
N ILE B 163 -13.95 4.21 -36.63
CA ILE B 163 -13.35 2.89 -36.81
C ILE B 163 -14.30 1.78 -36.38
N PHE B 164 -15.28 2.10 -35.55
CA PHE B 164 -16.32 1.16 -35.15
C PHE B 164 -17.54 1.23 -36.05
N SER B 165 -17.39 1.77 -37.26
CA SER B 165 -18.49 1.76 -38.22
C SER B 165 -18.94 0.35 -38.56
N THR B 166 -18.02 -0.61 -38.53
CA THR B 166 -18.24 -1.93 -39.13
C THR B 166 -18.54 -3.01 -38.09
N LEU B 167 -19.08 -2.62 -36.95
CA LEU B 167 -19.61 -3.56 -35.98
C LEU B 167 -21.13 -3.56 -36.04
N SER B 168 -21.75 -4.54 -35.39
CA SER B 168 -23.19 -4.52 -35.22
C SER B 168 -23.61 -3.24 -34.51
N SER B 169 -24.80 -2.75 -34.86
CA SER B 169 -25.30 -1.52 -34.23
C SER B 169 -25.33 -1.67 -32.72
N SER B 170 -25.65 -2.85 -32.22
CA SER B 170 -25.54 -3.12 -30.79
C SER B 170 -24.09 -3.25 -30.37
N GLU B 171 -23.32 -4.08 -31.09
CA GLU B 171 -21.90 -4.26 -30.79
C GLU B 171 -21.18 -2.93 -30.64
N TYR B 172 -21.55 -1.95 -31.45
CA TYR B 172 -20.94 -0.63 -31.34
C TYR B 172 -21.32 0.07 -30.04
N GLU B 173 -22.61 0.00 -29.67
CA GLU B 173 -23.02 0.56 -28.39
C GLU B 173 -22.49 -0.24 -27.21
N GLN B 174 -21.97 -1.44 -27.44
CA GLN B 174 -21.24 -2.14 -26.40
C GLN B 174 -19.84 -1.55 -26.23
N VAL B 175 -19.20 -1.19 -27.35
CA VAL B 175 -17.84 -0.66 -27.30
C VAL B 175 -17.80 0.65 -26.54
N LEU B 176 -18.75 1.54 -26.83
CA LEU B 176 -18.75 2.87 -26.21
C LEU B 176 -18.95 2.78 -24.71
N GLU B 177 -19.73 1.81 -24.24
CA GLU B 177 -19.89 1.62 -22.80
C GLU B 177 -18.59 1.14 -22.17
N ILE B 178 -17.87 0.24 -22.84
CA ILE B 178 -16.56 -0.17 -22.36
C ILE B 178 -15.61 1.01 -22.30
N ILE B 179 -15.63 1.84 -23.35
CA ILE B 179 -14.72 2.99 -23.41
C ILE B 179 -15.11 4.03 -22.37
N ARG B 180 -16.42 4.28 -22.20
CA ARG B 180 -16.86 5.26 -21.22
C ARG B 180 -16.50 4.82 -19.81
N LYS B 181 -16.91 3.61 -19.42
CA LYS B 181 -16.62 3.12 -18.08
C LYS B 181 -15.12 3.09 -17.82
N ALA B 182 -14.31 2.77 -18.83
CA ALA B 182 -12.87 2.74 -18.64
C ALA B 182 -12.31 4.14 -18.41
N ILE B 183 -12.80 5.13 -19.17
CA ILE B 183 -12.30 6.49 -19.01
C ILE B 183 -12.81 7.10 -17.71
N ILE B 184 -14.07 6.84 -17.36
CA ILE B 184 -14.60 7.30 -16.08
C ILE B 184 -13.82 6.68 -14.93
N ALA B 185 -13.35 5.45 -15.10
CA ALA B 185 -12.60 4.77 -14.05
C ALA B 185 -11.21 5.34 -13.85
N THR B 186 -10.69 6.14 -14.79
CA THR B 186 -9.41 6.79 -14.57
C THR B 186 -9.49 7.93 -13.57
N ASP B 187 -10.70 8.34 -13.18
CA ASP B 187 -10.87 9.30 -12.10
C ASP B 187 -10.35 8.67 -10.81
N LEU B 188 -9.17 9.11 -10.37
CA LEU B 188 -8.48 8.46 -9.24
C LEU B 188 -9.32 8.48 -7.97
N ALA B 189 -10.23 9.45 -7.84
CA ALA B 189 -11.10 9.50 -6.67
C ALA B 189 -11.99 8.28 -6.59
N LEU B 190 -12.44 7.78 -7.74
CA LEU B 190 -13.27 6.58 -7.79
C LEU B 190 -12.48 5.29 -7.63
N TYR B 191 -11.15 5.37 -7.69
CA TYR B 191 -10.33 4.15 -7.65
C TYR B 191 -10.42 3.46 -6.29
N PHE B 192 -10.46 4.23 -5.21
CA PHE B 192 -10.39 3.65 -3.87
C PHE B 192 -11.60 2.77 -3.58
N GLY B 193 -12.80 3.24 -3.94
CA GLY B 193 -13.97 2.40 -3.81
C GLY B 193 -13.90 1.17 -4.69
N ASN B 194 -13.38 1.33 -5.91
CA ASN B 194 -13.27 0.20 -6.84
C ASN B 194 -12.31 -0.86 -6.31
N ARG B 195 -11.13 -0.43 -5.87
CA ARG B 195 -10.12 -1.38 -5.43
C ARG B 195 -10.49 -2.04 -4.10
N LYS B 196 -11.23 -1.34 -3.23
CA LYS B 196 -11.67 -1.95 -1.98
C LYS B 196 -12.79 -2.95 -2.23
N GLN B 197 -13.67 -2.66 -3.19
CA GLN B 197 -14.71 -3.62 -3.55
C GLN B 197 -14.10 -4.90 -4.10
N LEU B 198 -13.09 -4.77 -4.97
CA LEU B 198 -12.42 -5.95 -5.51
C LEU B 198 -11.63 -6.69 -4.44
N GLU B 199 -11.18 -5.98 -3.40
CA GLU B 199 -10.47 -6.63 -2.30
C GLU B 199 -11.38 -7.61 -1.57
N GLU B 200 -12.56 -7.13 -1.15
CA GLU B 200 -13.53 -7.99 -0.44
C GLU B 200 -14.05 -9.09 -1.35
N MET B 201 -14.20 -8.82 -2.65
CA MET B 201 -14.75 -9.82 -3.57
C MET B 201 -13.77 -10.97 -3.78
N TYR B 202 -12.54 -10.66 -4.19
CA TYR B 202 -11.51 -11.69 -4.32
C TYR B 202 -11.38 -12.48 -3.03
N GLN B 203 -11.46 -11.79 -1.89
CA GLN B 203 -11.26 -12.44 -0.60
C GLN B 203 -12.42 -13.39 -0.28
N THR B 204 -13.66 -12.92 -0.41
CA THR B 204 -14.82 -13.78 -0.20
C THR B 204 -14.98 -14.84 -1.28
N GLY B 205 -14.15 -14.81 -2.32
CA GLY B 205 -14.27 -15.75 -3.43
C GLY B 205 -15.41 -15.49 -4.37
N SER B 206 -16.28 -14.52 -4.08
CA SER B 206 -17.45 -14.25 -4.90
C SER B 206 -17.12 -13.42 -6.15
N LEU B 207 -15.85 -13.15 -6.42
CA LEU B 207 -15.47 -12.45 -7.64
C LEU B 207 -15.76 -13.35 -8.83
N ASN B 208 -16.81 -13.01 -9.58
CA ASN B 208 -17.26 -13.83 -10.71
C ASN B 208 -16.95 -13.09 -12.00
N LEU B 209 -16.11 -13.70 -12.85
CA LEU B 209 -15.61 -13.04 -14.04
C LEU B 209 -16.58 -13.07 -15.21
N ASN B 210 -17.72 -13.77 -15.10
CA ASN B 210 -18.80 -13.62 -16.07
C ASN B 210 -19.89 -12.68 -15.60
N ASN B 211 -19.75 -12.13 -14.40
CA ASN B 211 -20.59 -11.02 -13.95
C ASN B 211 -20.08 -9.74 -14.60
N GLN B 212 -20.91 -9.10 -15.42
CA GLN B 212 -20.45 -7.97 -16.22
C GLN B 212 -19.97 -6.82 -15.34
N SER B 213 -20.75 -6.49 -14.30
CA SER B 213 -20.33 -5.41 -13.40
C SER B 213 -19.03 -5.77 -12.68
N HIS B 214 -18.82 -7.06 -12.41
CA HIS B 214 -17.53 -7.48 -11.88
C HIS B 214 -16.42 -7.30 -12.92
N ARG B 215 -16.71 -7.58 -14.19
CA ARG B 215 -15.73 -7.33 -15.25
C ARG B 215 -15.39 -5.85 -15.34
N ASP B 216 -16.40 -4.98 -15.23
CA ASP B 216 -16.17 -3.54 -15.32
C ASP B 216 -15.32 -3.04 -14.16
N ARG B 217 -15.44 -3.65 -12.98
CA ARG B 217 -14.58 -3.27 -11.86
C ARG B 217 -13.13 -3.67 -12.13
N VAL B 218 -12.91 -4.89 -12.62
CA VAL B 218 -11.55 -5.33 -12.94
C VAL B 218 -10.95 -4.46 -14.05
N ILE B 219 -11.77 -4.10 -15.04
CA ILE B 219 -11.30 -3.18 -16.09
C ILE B 219 -10.90 -1.84 -15.47
N GLY B 220 -11.70 -1.33 -14.53
CA GLY B 220 -11.39 -0.06 -13.92
C GLY B 220 -10.05 -0.06 -13.19
N LEU B 221 -9.78 -1.13 -12.43
CA LEU B 221 -8.49 -1.26 -11.78
C LEU B 221 -7.36 -1.35 -12.80
N MET B 222 -7.61 -2.04 -13.91
CA MET B 222 -6.63 -2.09 -15.00
C MET B 222 -6.37 -0.70 -15.57
N MET B 223 -7.44 0.08 -15.76
CA MET B 223 -7.27 1.45 -16.22
C MET B 223 -6.45 2.27 -15.22
N THR B 224 -6.67 2.06 -13.93
CA THR B 224 -5.86 2.73 -12.92
C THR B 224 -4.41 2.26 -13.00
N ALA B 225 -4.19 0.95 -13.16
CA ALA B 225 -2.84 0.42 -13.23
C ALA B 225 -2.08 1.00 -14.42
N CYS B 226 -2.75 1.13 -15.56
CA CYS B 226 -2.11 1.72 -16.73
C CYS B 226 -1.89 3.22 -16.54
N ASP B 227 -2.85 3.89 -15.90
CA ASP B 227 -2.73 5.34 -15.72
C ASP B 227 -1.56 5.71 -14.83
N LEU B 228 -1.17 4.81 -13.92
CA LEU B 228 -0.09 5.06 -12.98
C LEU B 228 1.22 4.41 -13.40
N CYS B 229 1.28 3.82 -14.59
CA CYS B 229 2.40 2.95 -14.96
C CYS B 229 3.73 3.67 -15.03
N SER B 230 3.74 4.98 -14.78
CA SER B 230 5.01 5.69 -14.62
C SER B 230 5.78 5.22 -13.40
N VAL B 231 5.10 4.59 -12.44
CA VAL B 231 5.76 4.03 -11.26
C VAL B 231 6.28 2.62 -11.51
N THR B 232 6.07 2.06 -12.70
CA THR B 232 6.48 0.70 -13.02
C THR B 232 7.59 0.65 -14.08
N LYS B 233 8.17 1.80 -14.42
CA LYS B 233 9.29 1.81 -15.35
C LYS B 233 10.60 1.66 -14.55
N LEU B 234 11.71 1.64 -15.28
CA LEU B 234 13.01 1.66 -14.62
C LEU B 234 13.22 3.00 -13.93
N TRP B 235 13.89 2.96 -12.78
CA TRP B 235 14.07 4.15 -11.95
C TRP B 235 14.58 5.37 -12.72
N PRO B 236 15.51 5.26 -13.68
CA PRO B 236 15.83 6.45 -14.50
C PRO B 236 14.62 7.02 -15.23
N VAL B 237 13.75 6.17 -15.75
CA VAL B 237 12.55 6.66 -16.45
C VAL B 237 11.53 7.18 -15.44
N THR B 238 11.34 6.45 -14.33
CA THR B 238 10.35 6.84 -13.34
C THR B 238 10.64 8.21 -12.77
N LYS B 239 11.89 8.46 -12.37
CA LYS B 239 12.27 9.74 -11.78
C LYS B 239 12.06 10.89 -12.76
N LEU B 240 12.17 10.62 -14.07
CA LEU B 240 12.02 11.67 -15.07
C LEU B 240 10.55 12.04 -15.27
N THR B 241 9.67 11.05 -15.38
CA THR B 241 8.25 11.34 -15.49
C THR B 241 7.74 12.08 -14.25
N ALA B 242 8.38 11.86 -13.11
CA ALA B 242 8.01 12.59 -11.90
C ALA B 242 8.17 14.10 -12.09
N ASN B 243 9.27 14.52 -12.72
CA ASN B 243 9.46 15.94 -12.99
C ASN B 243 8.35 16.52 -13.84
N ASP B 244 7.80 15.72 -14.76
CA ASP B 244 6.68 16.19 -15.58
C ASP B 244 5.42 16.36 -14.74
N ILE B 245 5.20 15.44 -13.79
CA ILE B 245 3.97 15.44 -13.00
C ILE B 245 3.90 16.69 -12.13
N TYR B 246 5.01 17.02 -11.46
CA TYR B 246 5.00 18.16 -10.54
C TYR B 246 4.97 19.48 -11.29
N ALA B 247 5.65 19.57 -12.44
CA ALA B 247 5.63 20.80 -13.23
C ALA B 247 4.21 21.21 -13.58
N GLU B 248 3.32 20.24 -13.82
CA GLU B 248 1.93 20.54 -14.10
C GLU B 248 1.15 20.79 -12.81
N PHE B 249 1.44 20.03 -11.75
CA PHE B 249 0.83 20.29 -10.46
C PHE B 249 1.18 21.68 -9.95
N TRP B 250 2.48 22.00 -9.93
CA TRP B 250 2.93 23.32 -9.48
C TRP B 250 2.32 24.43 -10.31
N ALA B 251 2.10 24.19 -11.62
CA ALA B 251 1.49 25.21 -12.46
C ALA B 251 0.05 25.48 -12.02
N GLU B 252 -0.69 24.44 -11.67
CA GLU B 252 -2.05 24.64 -11.16
C GLU B 252 -2.01 25.36 -9.81
N GLY B 253 -1.07 24.98 -8.95
CA GLY B 253 -0.92 25.68 -7.69
C GLY B 253 -0.50 27.13 -7.87
N ASP B 254 0.31 27.40 -8.90
CA ASP B 254 0.69 28.78 -9.20
C ASP B 254 -0.54 29.62 -9.50
N GLU B 255 -1.51 29.06 -10.22
CA GLU B 255 -2.76 29.77 -10.46
C GLU B 255 -3.52 29.96 -9.15
N MET B 256 -3.47 28.96 -8.27
CA MET B 256 -4.09 29.10 -6.95
C MET B 256 -3.49 30.26 -6.17
N LYS B 257 -2.17 30.44 -6.27
CA LYS B 257 -1.53 31.56 -5.58
C LYS B 257 -1.92 32.90 -6.18
N LYS B 258 -2.20 32.95 -7.48
CA LYS B 258 -2.52 34.22 -8.12
C LYS B 258 -3.74 34.88 -7.50
N LEU B 259 -4.64 34.09 -6.94
CA LEU B 259 -5.68 34.63 -6.07
C LEU B 259 -5.04 35.11 -4.77
N GLY B 260 -4.78 34.18 -3.86
CA GLY B 260 -4.19 34.49 -2.57
C GLY B 260 -4.32 33.30 -1.64
N ILE B 261 -4.40 32.11 -2.22
CA ILE B 261 -4.68 30.89 -1.48
C ILE B 261 -3.46 29.98 -1.57
N GLN B 262 -3.26 29.19 -0.53
CA GLN B 262 -2.14 28.27 -0.49
C GLN B 262 -2.58 26.91 -1.02
N PRO B 263 -1.97 26.41 -2.09
CA PRO B 263 -2.35 25.09 -2.60
C PRO B 263 -1.82 23.99 -1.69
N ILE B 264 -2.36 22.79 -1.89
CA ILE B 264 -1.91 21.61 -1.15
C ILE B 264 -0.43 21.42 -1.45
N PRO B 265 0.37 20.89 -0.51
CA PRO B 265 1.82 20.86 -0.73
C PRO B 265 2.25 20.12 -1.98
N MET B 266 1.43 19.17 -2.46
CA MET B 266 1.75 18.49 -3.70
C MET B 266 1.78 19.45 -4.89
N MET B 267 1.01 20.54 -4.82
CA MET B 267 0.94 21.53 -5.90
C MET B 267 1.66 22.82 -5.56
N ASP B 268 2.62 22.77 -4.62
CA ASP B 268 3.37 23.96 -4.22
C ASP B 268 4.84 23.75 -4.57
N ARG B 269 5.34 24.56 -5.51
CA ARG B 269 6.75 24.48 -5.89
C ARG B 269 7.68 24.99 -4.80
N ASP B 270 7.16 25.71 -3.82
CA ASP B 270 7.98 26.11 -2.68
C ASP B 270 8.26 24.94 -1.74
N LYS B 271 7.73 23.76 -2.02
CA LYS B 271 7.88 22.58 -1.18
C LYS B 271 8.44 21.41 -2.00
N LYS B 272 9.41 21.69 -2.86
CA LYS B 272 10.07 20.62 -3.61
C LYS B 272 10.81 19.65 -2.71
N ASP B 273 11.22 20.09 -1.52
CA ASP B 273 12.01 19.24 -0.63
C ASP B 273 11.20 18.05 -0.14
N GLU B 274 9.90 18.22 0.05
CA GLU B 274 9.04 17.14 0.52
C GLU B 274 8.58 16.21 -0.60
N VAL B 275 9.07 16.40 -1.83
CA VAL B 275 8.67 15.55 -2.94
C VAL B 275 9.01 14.08 -2.70
N PRO B 276 10.24 13.72 -2.29
CA PRO B 276 10.52 12.28 -2.09
C PRO B 276 9.62 11.63 -1.05
N GLN B 277 9.31 12.34 0.04
CA GLN B 277 8.38 11.79 1.03
C GLN B 277 6.99 11.64 0.45
N GLY B 278 6.55 12.60 -0.38
CA GLY B 278 5.25 12.49 -1.00
C GLY B 278 5.14 11.31 -1.95
N GLN B 279 6.22 11.01 -2.67
CA GLN B 279 6.24 9.84 -3.54
C GLN B 279 6.14 8.56 -2.73
N LEU B 280 6.93 8.46 -1.65
CA LEU B 280 6.87 7.30 -0.77
C LEU B 280 5.46 7.09 -0.23
N GLY B 281 4.76 8.18 0.08
CA GLY B 281 3.39 8.05 0.56
C GLY B 281 2.40 7.68 -0.53
N PHE B 282 2.63 8.16 -1.76
CA PHE B 282 1.74 7.81 -2.85
C PHE B 282 1.88 6.34 -3.22
N TYR B 283 3.11 5.84 -3.27
CA TYR B 283 3.33 4.42 -3.58
C TYR B 283 2.66 3.53 -2.56
N ASN B 284 2.82 3.83 -1.26
CA ASN B 284 2.29 2.96 -0.22
C ASN B 284 0.78 3.06 -0.10
N ALA B 285 0.21 4.24 -0.33
CA ALA B 285 -1.22 4.44 -0.15
C ALA B 285 -2.05 4.15 -1.40
N VAL B 286 -1.46 4.29 -2.59
CA VAL B 286 -2.23 4.17 -3.83
C VAL B 286 -1.61 3.13 -4.76
N ALA B 287 -0.34 3.31 -5.11
CA ALA B 287 0.28 2.49 -6.15
C ALA B 287 0.36 1.03 -5.74
N ILE B 288 1.02 0.74 -4.62
CA ILE B 288 1.14 -0.64 -4.14
C ILE B 288 -0.22 -1.32 -3.99
N PRO B 289 -1.23 -0.71 -3.36
CA PRO B 289 -2.55 -1.37 -3.33
C PRO B 289 -3.11 -1.67 -4.72
N CYS B 290 -2.94 -0.76 -5.67
CA CYS B 290 -3.48 -0.96 -7.01
C CYS B 290 -2.90 -2.21 -7.66
N TYR B 291 -1.58 -2.26 -7.82
CA TYR B 291 -0.96 -3.39 -8.49
C TYR B 291 -0.99 -4.67 -7.65
N THR B 292 -1.19 -4.56 -6.34
CA THR B 292 -1.31 -5.76 -5.52
C THR B 292 -2.63 -6.46 -5.75
N THR B 293 -3.73 -5.70 -5.70
CA THR B 293 -5.03 -6.27 -6.04
C THR B 293 -5.07 -6.71 -7.50
N LEU B 294 -4.40 -5.96 -8.38
CA LEU B 294 -4.33 -6.35 -9.78
C LEU B 294 -3.62 -7.68 -9.96
N THR B 295 -2.42 -7.80 -9.37
CA THR B 295 -1.68 -9.06 -9.47
C THR B 295 -2.45 -10.21 -8.84
N GLN B 296 -3.18 -9.93 -7.76
CA GLN B 296 -4.01 -10.96 -7.15
C GLN B 296 -5.11 -11.43 -8.10
N ILE B 297 -5.70 -10.49 -8.84
CA ILE B 297 -6.75 -10.85 -9.80
C ILE B 297 -6.13 -11.36 -11.09
N LEU B 298 -5.07 -10.71 -11.58
CA LEU B 298 -4.42 -11.06 -12.83
C LEU B 298 -2.96 -11.40 -12.52
N PRO B 299 -2.66 -12.66 -12.23
CA PRO B 299 -1.30 -13.06 -11.85
C PRO B 299 -0.24 -12.66 -12.86
N PRO B 300 -0.51 -12.70 -14.17
CA PRO B 300 0.53 -12.28 -15.12
C PRO B 300 1.01 -10.84 -14.95
N THR B 301 0.25 -9.98 -14.28
CA THR B 301 0.66 -8.58 -14.11
C THR B 301 1.62 -8.37 -12.94
N GLU B 302 2.30 -9.42 -12.49
CA GLU B 302 3.24 -9.28 -11.39
C GLU B 302 4.42 -8.36 -11.69
N PRO B 303 5.03 -8.36 -12.88
CA PRO B 303 6.15 -7.42 -13.13
C PRO B 303 5.84 -5.98 -12.80
N LEU B 304 4.58 -5.55 -12.96
CA LEU B 304 4.21 -4.20 -12.54
C LEU B 304 4.39 -4.02 -11.04
N LEU B 305 3.89 -4.97 -10.25
CA LEU B 305 4.01 -4.90 -8.80
C LEU B 305 5.47 -4.90 -8.37
N LYS B 306 6.30 -5.73 -9.01
CA LYS B 306 7.72 -5.79 -8.66
C LYS B 306 8.42 -4.48 -9.02
N ALA B 307 8.17 -3.97 -10.24
CA ALA B 307 8.80 -2.72 -10.65
C ALA B 307 8.36 -1.56 -9.75
N CYS B 308 7.10 -1.56 -9.34
CA CYS B 308 6.61 -0.53 -8.42
C CYS B 308 7.33 -0.62 -7.07
N ARG B 309 7.55 -1.85 -6.58
CA ARG B 309 8.27 -2.02 -5.32
C ARG B 309 9.70 -1.54 -5.43
N ASP B 310 10.37 -1.88 -6.55
CA ASP B 310 11.75 -1.42 -6.76
C ASP B 310 11.82 0.10 -6.76
N ASN B 311 10.88 0.76 -7.47
CA ASN B 311 10.86 2.21 -7.49
C ASN B 311 10.58 2.80 -6.11
N LEU B 312 9.76 2.13 -5.31
CA LEU B 312 9.47 2.63 -3.97
C LEU B 312 10.72 2.65 -3.11
N SER B 313 11.55 1.62 -3.20
CA SER B 313 12.78 1.58 -2.40
C SER B 313 13.78 2.62 -2.87
N GLN B 314 13.76 2.96 -4.17
CA GLN B 314 14.62 4.03 -4.65
C GLN B 314 14.23 5.37 -4.02
N TRP B 315 12.94 5.67 -3.96
CA TRP B 315 12.49 6.87 -3.26
C TRP B 315 12.89 6.82 -1.79
N GLU B 316 12.80 5.63 -1.17
CA GLU B 316 13.22 5.49 0.22
C GLU B 316 14.71 5.78 0.37
N LYS B 317 15.50 5.37 -0.61
CA LYS B 317 16.94 5.68 -0.57
C LYS B 317 17.20 7.16 -0.78
N VAL B 318 16.37 7.84 -1.58
CA VAL B 318 16.52 9.29 -1.74
C VAL B 318 16.18 10.00 -0.43
N ILE B 319 15.17 9.51 0.28
CA ILE B 319 14.83 10.11 1.57
C ILE B 319 15.91 9.83 2.60
N ARG B 320 16.46 8.62 2.60
CA ARG B 320 17.42 8.19 3.61
C ARG B 320 18.85 8.66 3.34
N GLY B 321 19.05 9.57 2.40
CA GLY B 321 20.38 10.09 2.14
C GLY B 321 21.23 9.25 1.22
N GLU B 322 20.63 8.62 0.22
CA GLU B 322 21.37 7.77 -0.71
C GLU B 322 20.91 8.01 -2.15
ZN ZN C . 0.01 -4.35 19.56
MG MG D . -2.28 -5.28 22.29
N1 A1EBE E . -0.11 5.48 19.16
C2 A1EBE E . -3.19 4.79 24.26
C3 A1EBE E . -1.13 5.64 20.11
C4 A1EBE E . -1.63 6.90 19.89
C5 A1EBE E . -0.06 6.65 18.43
C7 A1EBE E . 1.61 4.50 17.88
C9 A1EBE E . 0.88 6.75 17.38
C11 A1EBE E . -3.66 8.50 19.62
C12 A1EBE E . -2.40 8.88 21.33
C13 A1EBE E . -4.15 10.68 20.83
C16 A1EBE E . -7.42 13.78 19.42
C17 A1EBE E . -7.55 14.28 20.71
C18 A1EBE E . -6.80 13.79 21.73
C19 A1EBE E . -5.87 12.74 21.50
C21 A1EBE E . -5.08 12.62 23.92
C22 A1EBE E . -3.75 12.84 24.62
C23 A1EBE E . -3.87 14.48 26.40
C24 A1EBE E . -4.89 16.02 28.06
C26 A1EBE E . -3.12 14.48 28.75
C27 A1EBE E . -3.15 13.14 29.40
C28 A1EBE E . -4.19 11.13 22.16
O2 A1EBE E . -6.11 12.81 24.54
N4 A1EBE E . -3.94 13.08 26.04
N5 A1EBE E . -4.24 14.73 27.80
C25 A1EBE E . -4.85 16.99 26.90
C20 A1EBE E . -5.05 12.16 22.50
C15 A1EBE E . -6.54 12.77 19.15
C14 A1EBE E . -5.74 12.23 20.19
N3 A1EBE E . -4.88 11.21 19.87
N2 A1EBE E . -3.34 9.63 20.49
C10 A1EBE E . -2.77 7.61 20.53
N A1EBE E . -0.96 7.52 18.86
C8 A1EBE E . 1.69 5.68 17.12
C6 A1EBE E . 0.72 4.40 18.89
C A1EBE E . -1.49 4.55 21.07
O A1EBE E . -1.28 3.38 20.90
O1 A1EBE E . -2.11 5.05 22.16
C1 A1EBE E . -2.62 4.06 23.11
ZN ZN F . -4.19 9.67 -17.25
MG MG G . -7.44 11.97 -16.26
N1 A1EBE H . 1.41 10.13 -9.35
C2 A1EBE H . -3.35 13.17 -7.72
C3 A1EBE H . 0.65 11.03 -8.59
C4 A1EBE H . 1.55 11.63 -7.73
C5 A1EBE H . 2.72 10.25 -8.90
C7 A1EBE H . 2.00 8.53 -10.96
C9 A1EBE H . 3.70 9.45 -9.53
C11 A1EBE H . 2.63 13.50 -6.29
C12 A1EBE H . 1.20 12.25 -5.26
C13 A1EBE H . 2.46 13.97 -3.80
C16 A1EBE H . 5.02 17.37 -1.75
C17 A1EBE H . 4.16 17.42 -0.67
C18 A1EBE H . 3.08 16.59 -0.61
C19 A1EBE H . 2.81 15.67 -1.65
C21 A1EBE H . 0.68 14.77 -0.58
C22 A1EBE H . 0.58 13.53 0.29
C23 A1EBE H . -1.05 12.34 1.66
C24 A1EBE H . -3.34 13.16 2.02
C26 A1EBE H . -2.82 11.97 -0.01
C27 A1EBE H . -1.91 11.00 -0.73
C28 A1EBE H . 1.54 13.94 -2.74
O2 A1EBE H . -0.07 15.71 -0.36
N4 A1EBE H . -0.57 13.60 1.18
N5 A1EBE H . -2.48 12.14 1.41
C25 A1EBE H . -2.96 13.51 3.44
C20 A1EBE H . 1.71 14.78 -1.67
C15 A1EBE H . 4.80 16.50 -2.78
C14 A1EBE H . 3.70 15.62 -2.76
N3 A1EBE H . 3.51 14.78 -3.81
N2 A1EBE H . 2.29 13.17 -4.91
C10 A1EBE H . 1.36 12.71 -6.73
N A1EBE H . 2.82 11.14 -7.93
C8 A1EBE H . 3.34 8.61 -10.54
C6 A1EBE H . 1.06 9.28 -10.38
C A1EBE H . -0.83 11.17 -8.78
O A1EBE H . -1.43 10.75 -9.74
O1 A1EBE H . -1.41 11.78 -7.74
C1 A1EBE H . -2.87 11.77 -7.72
#